data_6U1R
#
_entry.id   6U1R
#
_cell.length_a   49.378
_cell.length_b   100.562
_cell.length_c   163.941
_cell.angle_alpha   90.00
_cell.angle_beta   90.00
_cell.angle_gamma   90.00
#
_symmetry.space_group_name_H-M   'P 2 21 21'
#
loop_
_entity.id
_entity.type
_entity.pdbx_description
1 polymer SxtG
2 non-polymer 'FORMIC ACID'
3 water water
#
_entity_poly.entity_id   1
_entity_poly.type   'polypeptide(L)'
_entity_poly.pdbx_seq_one_letter_code
;GIDPFTMTSQNNQELENKLPIAKQPCPVNSYNEWDALEEVIVGSVEGAMLPALEPINKWTFPLEELASAQKVLFETGGIP
YPPEMIAVAHKELNEFIHILEAEGVKVRRVKPVDFFASFSTPAWQVRSGFCAANPRDVFLVIGNEIIEAPMADRNRYFEA
WAYRDLLKEYFQAGAKWTAAPKPQLFDAQYDFNFQFPQTGEPSRFVVTEFEPTFDAADFVRCGRDIFGQKSHVTNSLGIE
WLQRHLEDEYRIHIIESQCPEALHIDTTLMPLAPGKILVNPEFVDVNKLPKILKSWDILVAPYPNHIPQNQLRLVSEWAG
LNVLMLDEERVIVEKKQEPMIKALKDWGFKPIVCSFESYYPFLGSFHCATLDVRRRGTLQSYF
;
_entity_poly.pdbx_strand_id   A,B
#
loop_
_chem_comp.id
_chem_comp.type
_chem_comp.name
_chem_comp.formula
FMT non-polymer 'FORMIC ACID' 'C H2 O2'
#
# COMPACT_ATOMS: atom_id res chain seq x y z
N CYS A 26 18.30 -13.78 4.77
CA CYS A 26 17.37 -12.87 4.07
C CYS A 26 18.11 -12.14 2.96
N PRO A 27 17.62 -12.24 1.72
CA PRO A 27 18.32 -11.58 0.61
C PRO A 27 18.16 -10.06 0.59
N VAL A 28 17.20 -9.50 1.31
CA VAL A 28 17.04 -8.05 1.42
C VAL A 28 17.70 -7.58 2.72
N ASN A 29 18.71 -6.70 2.58
CA ASN A 29 19.45 -6.20 3.73
C ASN A 29 20.22 -4.95 3.26
N SER A 30 19.67 -3.76 3.50
CA SER A 30 20.36 -2.53 3.13
C SER A 30 19.95 -1.41 4.07
N TYR A 31 20.93 -0.81 4.75
CA TYR A 31 20.68 0.18 5.79
C TYR A 31 21.19 1.58 5.43
N ASN A 32 21.92 1.74 4.34
CA ASN A 32 22.54 3.02 3.99
C ASN A 32 22.97 2.94 2.53
N GLU A 33 23.61 4.00 2.04
CA GLU A 33 23.94 4.10 0.61
C GLU A 33 25.31 3.52 0.25
N TRP A 34 26.08 3.00 1.21
CA TRP A 34 27.50 2.75 0.99
C TRP A 34 28.03 1.38 1.41
N ASP A 35 27.31 0.62 2.24
CA ASP A 35 27.84 -0.68 2.63
C ASP A 35 28.05 -1.55 1.39
N ALA A 36 28.99 -2.50 1.50
CA ALA A 36 29.44 -3.29 0.35
C ALA A 36 28.28 -3.91 -0.43
N LEU A 37 28.15 -3.53 -1.70
CA LEU A 37 26.97 -3.86 -2.50
C LEU A 37 27.05 -5.30 -2.99
N GLU A 38 26.04 -6.10 -2.64
CA GLU A 38 25.99 -7.51 -3.04
C GLU A 38 24.97 -7.80 -4.12
N GLU A 39 23.81 -7.14 -4.07
CA GLU A 39 22.76 -7.41 -5.05
C GLU A 39 21.99 -6.12 -5.28
N VAL A 40 21.70 -5.85 -6.56
CA VAL A 40 21.03 -4.62 -6.97
C VAL A 40 20.01 -4.95 -8.07
N ILE A 41 18.83 -4.32 -8.00
CA ILE A 41 17.89 -4.31 -9.12
C ILE A 41 18.29 -3.15 -10.03
N VAL A 42 18.38 -3.40 -11.33
CA VAL A 42 18.68 -2.35 -12.30
C VAL A 42 17.46 -2.16 -13.18
N GLY A 43 17.18 -0.91 -13.54
CA GLY A 43 16.01 -0.59 -14.32
C GLY A 43 16.11 -1.05 -15.78
N SER A 44 15.04 -0.79 -16.51
CA SER A 44 14.93 -1.13 -17.92
C SER A 44 14.27 0.04 -18.66
N VAL A 45 14.76 0.33 -19.86
CA VAL A 45 14.17 1.38 -20.69
C VAL A 45 13.25 0.84 -21.76
N GLU A 46 13.14 -0.48 -21.91
CA GLU A 46 12.30 -0.98 -23.00
CA GLU A 46 12.29 -1.05 -22.96
C GLU A 46 10.83 -0.73 -22.70
N GLY A 47 10.09 -0.39 -23.77
CA GLY A 47 8.67 -0.08 -23.69
C GLY A 47 8.34 1.23 -23.02
N ALA A 48 9.35 2.07 -22.79
CA ALA A 48 9.21 3.30 -22.02
C ALA A 48 8.31 4.31 -22.75
N MET A 49 7.47 5.00 -21.97
CA MET A 49 6.56 6.04 -22.42
C MET A 49 6.99 7.38 -21.83
N LEU A 50 6.86 8.45 -22.61
CA LEU A 50 7.28 9.75 -22.13
C LEU A 50 6.51 10.16 -20.87
N PRO A 51 7.15 10.95 -19.99
CA PRO A 51 6.43 11.53 -18.86
C PRO A 51 5.24 12.36 -19.35
N ALA A 52 4.20 12.41 -18.51
CA ALA A 52 3.04 13.25 -18.77
C ALA A 52 3.27 14.64 -18.20
N LEU A 53 2.83 15.65 -18.96
CA LEU A 53 3.06 17.03 -18.59
C LEU A 53 2.27 17.43 -17.35
N GLU A 54 1.06 16.87 -17.19
CA GLU A 54 0.14 17.33 -16.16
C GLU A 54 -0.18 16.19 -15.21
N PRO A 55 -0.50 16.54 -13.93
CA PRO A 55 -0.46 17.89 -13.37
C PRO A 55 0.84 18.19 -12.62
N ILE A 56 1.86 17.33 -12.71
CA ILE A 56 3.10 17.46 -11.93
C ILE A 56 4.28 17.94 -12.78
N ASN A 57 4.61 17.20 -13.85
CA ASN A 57 5.95 17.30 -14.40
C ASN A 57 6.23 18.63 -15.08
N LYS A 58 5.21 19.35 -15.49
CA LYS A 58 5.51 20.67 -16.06
C LYS A 58 6.23 21.57 -15.05
N TRP A 59 6.16 21.27 -13.76
CA TRP A 59 6.81 22.10 -12.75
C TRP A 59 8.24 21.66 -12.46
N THR A 60 8.74 20.67 -13.19
CA THR A 60 10.17 20.35 -13.15
C THR A 60 10.96 21.13 -14.19
N PHE A 61 10.32 22.10 -14.86
CA PHE A 61 10.99 22.90 -15.88
C PHE A 61 11.03 24.36 -15.47
N PRO A 62 12.18 25.02 -15.54
CA PRO A 62 12.16 26.48 -15.40
C PRO A 62 11.34 27.07 -16.53
N LEU A 63 10.72 28.22 -16.25
CA LEU A 63 9.76 28.79 -17.21
C LEU A 63 10.35 28.87 -18.61
N GLU A 64 11.66 29.13 -18.74
CA GLU A 64 12.25 29.30 -20.07
C GLU A 64 12.38 27.98 -20.82
N GLU A 65 12.29 26.83 -20.13
CA GLU A 65 12.26 25.53 -20.80
C GLU A 65 10.84 25.00 -21.05
N LEU A 66 9.82 25.66 -20.53
CA LEU A 66 8.47 25.11 -20.59
C LEU A 66 7.97 25.04 -22.03
N ALA A 67 8.32 26.03 -22.87
CA ALA A 67 7.81 26.06 -24.24
C ALA A 67 8.23 24.81 -25.01
N SER A 68 9.51 24.42 -24.89
CA SER A 68 9.97 23.25 -25.62
C SER A 68 9.40 21.97 -25.03
N ALA A 69 9.34 21.90 -23.69
CA ALA A 69 8.90 20.68 -23.04
C ALA A 69 7.43 20.41 -23.31
N GLN A 70 6.62 21.46 -23.37
CA GLN A 70 5.19 21.24 -23.53
C GLN A 70 4.84 20.81 -24.94
N LYS A 71 5.74 21.00 -25.91
CA LYS A 71 5.52 20.44 -27.23
C LYS A 71 5.82 18.94 -27.27
N VAL A 72 6.78 18.50 -26.45
CA VAL A 72 7.27 17.12 -26.47
C VAL A 72 6.37 16.21 -25.66
N LEU A 73 6.01 16.64 -24.46
CA LEU A 73 5.26 15.85 -23.50
C LEU A 73 3.79 16.16 -23.62
N PHE A 74 2.96 15.12 -23.55
CA PHE A 74 1.52 15.31 -23.68
C PHE A 74 0.84 15.23 -22.31
N GLU A 75 -0.44 15.62 -22.32
CA GLU A 75 -1.08 15.96 -21.05
CA GLU A 75 -1.21 15.91 -21.10
C GLU A 75 -1.22 14.75 -20.12
N THR A 76 -1.62 13.57 -20.61
CA THR A 76 -1.80 12.42 -19.73
C THR A 76 -1.06 11.19 -20.26
N GLY A 77 0.02 11.41 -21.00
CA GLY A 77 0.82 10.31 -21.50
C GLY A 77 0.33 9.78 -22.83
N GLY A 78 0.62 8.52 -23.13
CA GLY A 78 0.20 7.89 -24.36
C GLY A 78 1.17 8.01 -25.52
N ILE A 79 2.34 8.61 -25.29
CA ILE A 79 3.34 8.82 -26.33
C ILE A 79 4.58 8.01 -25.96
N PRO A 80 5.07 7.10 -26.81
CA PRO A 80 6.29 6.36 -26.48
C PRO A 80 7.54 7.22 -26.59
N TYR A 81 8.58 6.83 -25.85
CA TYR A 81 9.91 7.34 -26.16
C TYR A 81 10.27 6.96 -27.59
N PRO A 82 11.00 7.80 -28.32
CA PRO A 82 11.49 7.38 -29.63
C PRO A 82 12.29 6.10 -29.53
N PRO A 83 12.08 5.15 -30.45
CA PRO A 83 12.80 3.87 -30.35
C PRO A 83 14.30 4.03 -30.34
N GLU A 84 14.83 4.99 -31.08
CA GLU A 84 16.28 5.14 -31.12
C GLU A 84 16.83 5.58 -29.77
N MET A 85 16.06 6.37 -29.02
CA MET A 85 16.50 6.76 -27.68
C MET A 85 16.55 5.55 -26.76
N ILE A 86 15.54 4.69 -26.80
CA ILE A 86 15.56 3.48 -26.00
C ILE A 86 16.77 2.61 -26.37
N ALA A 87 17.07 2.50 -27.66
CA ALA A 87 18.15 1.62 -28.10
C ALA A 87 19.51 2.10 -27.59
N VAL A 88 19.78 3.41 -27.70
CA VAL A 88 21.08 3.92 -27.23
C VAL A 88 21.18 3.79 -25.71
N ALA A 89 20.09 4.05 -24.99
CA ALA A 89 20.13 3.92 -23.54
C ALA A 89 20.31 2.47 -23.14
N HIS A 90 19.71 1.53 -23.88
CA HIS A 90 19.88 0.12 -23.54
C HIS A 90 21.35 -0.28 -23.67
N LYS A 91 22.06 0.30 -24.66
CA LYS A 91 23.48 0.00 -24.83
C LYS A 91 24.30 0.49 -23.64
N GLU A 92 24.07 1.72 -23.18
CA GLU A 92 24.85 2.22 -22.05
C GLU A 92 24.46 1.50 -20.77
N LEU A 93 23.18 1.18 -20.62
CA LEU A 93 22.73 0.35 -19.52
C LEU A 93 23.48 -0.97 -19.48
N ASN A 94 23.67 -1.62 -20.63
CA ASN A 94 24.40 -2.88 -20.65
C ASN A 94 25.84 -2.72 -20.17
N GLU A 95 26.50 -1.63 -20.56
CA GLU A 95 27.87 -1.41 -20.09
C GLU A 95 27.91 -1.15 -18.58
N PHE A 96 26.95 -0.35 -18.08
CA PHE A 96 26.82 -0.13 -16.64
C PHE A 96 26.66 -1.46 -15.90
N ILE A 97 25.81 -2.34 -16.39
CA ILE A 97 25.64 -3.65 -15.77
C ILE A 97 26.93 -4.46 -15.83
N HIS A 98 27.63 -4.40 -16.98
CA HIS A 98 28.91 -5.11 -17.10
C HIS A 98 29.91 -4.64 -16.03
N ILE A 99 29.97 -3.33 -15.78
CA ILE A 99 30.83 -2.81 -14.71
C ILE A 99 30.40 -3.37 -13.36
N LEU A 100 29.11 -3.30 -13.04
CA LEU A 100 28.63 -3.81 -11.76
C LEU A 100 29.02 -5.27 -11.56
N GLU A 101 28.82 -6.10 -12.59
CA GLU A 101 29.14 -7.52 -12.48
C GLU A 101 30.64 -7.74 -12.35
N ALA A 102 31.45 -7.00 -13.11
CA ALA A 102 32.89 -7.15 -12.99
C ALA A 102 33.37 -6.76 -11.60
N GLU A 103 32.68 -5.81 -10.98
CA GLU A 103 33.01 -5.40 -9.62
C GLU A 103 32.39 -6.32 -8.55
N GLY A 104 31.82 -7.47 -8.92
CA GLY A 104 31.36 -8.44 -7.96
C GLY A 104 29.92 -8.30 -7.47
N VAL A 105 29.10 -7.49 -8.14
CA VAL A 105 27.70 -7.30 -7.75
C VAL A 105 26.82 -8.21 -8.57
N LYS A 106 25.84 -8.84 -7.91
CA LYS A 106 24.78 -9.58 -8.60
C LYS A 106 23.71 -8.61 -9.08
N VAL A 107 23.36 -8.67 -10.36
CA VAL A 107 22.43 -7.73 -10.97
C VAL A 107 21.14 -8.46 -11.34
N ARG A 108 20.01 -7.91 -10.91
CA ARG A 108 18.69 -8.39 -11.31
C ARG A 108 18.11 -7.40 -12.31
N ARG A 109 17.93 -7.83 -13.56
CA ARG A 109 17.43 -6.97 -14.62
C ARG A 109 15.91 -7.05 -14.64
N VAL A 110 15.24 -5.94 -14.37
CA VAL A 110 13.78 -5.93 -14.45
C VAL A 110 13.38 -6.06 -15.91
N LYS A 111 12.33 -6.90 -16.16
CA LYS A 111 11.76 -7.09 -17.49
C LYS A 111 10.66 -6.08 -17.75
N PRO A 112 10.61 -5.50 -18.95
CA PRO A 112 9.54 -4.56 -19.27
C PRO A 112 8.17 -5.23 -19.21
N VAL A 113 7.15 -4.40 -19.02
CA VAL A 113 5.76 -4.80 -19.05
C VAL A 113 5.06 -3.81 -19.99
N ASP A 114 3.72 -3.84 -20.04
CA ASP A 114 2.96 -3.01 -20.98
C ASP A 114 2.77 -1.59 -20.44
N PHE A 115 3.83 -0.78 -20.53
CA PHE A 115 3.66 0.62 -20.12
C PHE A 115 2.77 1.38 -21.08
N PHE A 116 2.59 0.91 -22.32
CA PHE A 116 1.71 1.63 -23.24
C PHE A 116 0.24 1.55 -22.82
N ALA A 117 -0.14 0.60 -22.00
CA ALA A 117 -1.56 0.39 -21.73
C ALA A 117 -2.15 1.51 -20.88
N SER A 118 -3.36 1.94 -21.24
CA SER A 118 -4.12 2.89 -20.43
C SER A 118 -4.65 2.22 -19.16
N PHE A 119 -5.01 3.03 -18.17
CA PHE A 119 -5.72 2.53 -16.99
C PHE A 119 -6.53 3.66 -16.38
N SER A 120 -7.40 3.31 -15.43
CA SER A 120 -8.36 4.27 -14.92
C SER A 120 -8.79 3.85 -13.53
N THR A 121 -9.13 4.85 -12.72
CA THR A 121 -9.76 4.67 -11.43
C THR A 121 -11.18 5.22 -11.53
N PRO A 122 -11.97 5.10 -10.46
CA PRO A 122 -13.32 5.68 -10.50
C PRO A 122 -13.33 7.19 -10.68
N ALA A 123 -12.20 7.87 -10.47
CA ALA A 123 -12.15 9.32 -10.49
C ALA A 123 -11.34 9.93 -11.65
N TRP A 124 -10.47 9.16 -12.30
CA TRP A 124 -9.57 9.74 -13.31
C TRP A 124 -9.03 8.62 -14.18
N GLN A 125 -8.49 9.00 -15.33
CA GLN A 125 -7.88 8.03 -16.23
C GLN A 125 -6.65 8.67 -16.88
N VAL A 126 -5.71 7.81 -17.30
CA VAL A 126 -4.53 8.25 -18.02
C VAL A 126 -4.33 7.34 -19.23
N ARG A 127 -3.54 7.82 -20.17
CA ARG A 127 -3.36 7.12 -21.43
C ARG A 127 -2.28 6.06 -21.41
N SER A 128 -1.35 6.10 -20.45
CA SER A 128 -0.29 5.13 -20.36
C SER A 128 0.37 5.25 -18.98
N GLY A 129 1.22 4.29 -18.68
CA GLY A 129 2.18 4.44 -17.61
C GLY A 129 3.40 5.22 -18.06
N PHE A 130 4.50 5.03 -17.31
CA PHE A 130 5.77 5.70 -17.57
C PHE A 130 6.75 4.64 -18.04
N CYS A 131 7.55 4.04 -17.15
CA CYS A 131 8.57 3.06 -17.53
C CYS A 131 9.16 2.48 -16.24
N ALA A 132 10.10 1.54 -16.39
CA ALA A 132 10.77 0.94 -15.25
C ALA A 132 12.26 1.28 -15.23
N ALA A 133 12.59 2.50 -15.65
CA ALA A 133 13.98 2.95 -15.68
C ALA A 133 14.50 3.35 -14.29
N ASN A 134 13.61 3.68 -13.35
CA ASN A 134 14.02 4.28 -12.08
C ASN A 134 13.47 3.49 -10.89
N PRO A 135 14.02 2.30 -10.61
CA PRO A 135 13.59 1.57 -9.40
C PRO A 135 13.66 2.40 -8.11
N ARG A 136 14.63 3.33 -8.03
CA ARG A 136 14.83 4.13 -6.83
C ARG A 136 13.61 4.98 -6.48
N ASP A 137 12.80 5.35 -7.48
CA ASP A 137 11.65 6.22 -7.22
C ASP A 137 10.50 5.49 -6.52
N VAL A 138 10.40 4.18 -6.70
CA VAL A 138 9.16 3.44 -6.50
C VAL A 138 9.16 2.74 -5.16
N PHE A 139 10.36 2.40 -4.65
CA PHE A 139 10.52 1.57 -3.46
C PHE A 139 11.62 2.14 -2.56
N LEU A 140 11.42 2.01 -1.26
CA LEU A 140 12.46 2.22 -0.27
C LEU A 140 12.89 0.86 0.28
N VAL A 141 14.19 0.68 0.45
CA VAL A 141 14.72 -0.48 1.16
C VAL A 141 15.21 -0.01 2.51
N ILE A 142 14.57 -0.50 3.57
CA ILE A 142 14.90 -0.13 4.95
C ILE A 142 15.25 -1.42 5.67
N GLY A 143 16.53 -1.75 5.77
CA GLY A 143 16.92 -2.98 6.45
C GLY A 143 16.47 -4.18 5.64
N ASN A 144 15.59 -5.01 6.20
CA ASN A 144 15.09 -6.19 5.51
C ASN A 144 13.70 -5.95 4.90
N GLU A 145 13.24 -4.71 4.82
CA GLU A 145 11.89 -4.37 4.36
C GLU A 145 11.95 -3.58 3.06
N ILE A 146 11.10 -3.97 2.09
CA ILE A 146 10.84 -3.17 0.90
C ILE A 146 9.47 -2.49 1.05
N ILE A 147 9.43 -1.16 0.93
CA ILE A 147 8.21 -0.36 1.07
C ILE A 147 7.83 0.22 -0.29
N GLU A 148 6.60 -0.03 -0.73
CA GLU A 148 6.08 0.57 -1.95
C GLU A 148 5.56 1.97 -1.65
N ALA A 149 6.12 2.95 -2.34
CA ALA A 149 5.81 4.35 -2.12
C ALA A 149 4.41 4.71 -2.61
N PRO A 150 3.73 5.64 -1.90
CA PRO A 150 2.44 6.16 -2.40
C PRO A 150 2.68 7.33 -3.34
N MET A 151 2.84 7.05 -4.63
CA MET A 151 3.38 8.06 -5.53
C MET A 151 2.30 9.03 -6.02
N ALA A 152 2.67 10.31 -6.10
CA ALA A 152 1.71 11.35 -6.49
C ALA A 152 1.41 11.38 -7.98
N ASP A 153 2.31 10.82 -8.80
CA ASP A 153 2.15 10.87 -10.25
C ASP A 153 1.21 9.75 -10.71
N ARG A 154 0.00 10.15 -11.14
CA ARG A 154 -1.01 9.21 -11.61
C ARG A 154 -0.47 8.23 -12.64
N ASN A 155 0.38 8.68 -13.57
CA ASN A 155 0.86 7.76 -14.60
C ASN A 155 1.76 6.66 -14.02
N ARG A 156 2.24 6.81 -12.80
CA ARG A 156 3.11 5.82 -12.17
C ARG A 156 2.38 4.92 -11.19
N TYR A 157 1.04 4.91 -11.22
CA TYR A 157 0.22 4.18 -10.25
C TYR A 157 0.54 2.69 -10.21
N PHE A 158 0.91 2.11 -11.34
CA PHE A 158 1.16 0.68 -11.45
C PHE A 158 2.62 0.39 -11.78
N GLU A 159 3.51 1.30 -11.46
CA GLU A 159 4.89 1.07 -11.83
C GLU A 159 5.53 -0.07 -11.05
N ALA A 160 4.98 -0.46 -9.88
CA ALA A 160 5.60 -1.58 -9.18
C ALA A 160 5.42 -2.91 -9.91
N TRP A 161 4.53 -2.97 -10.91
CA TRP A 161 4.17 -4.26 -11.49
C TRP A 161 5.36 -4.98 -12.12
N ALA A 162 6.26 -4.24 -12.78
CA ALA A 162 7.39 -4.92 -13.42
C ALA A 162 8.29 -5.62 -12.42
N TYR A 163 8.23 -5.24 -11.15
CA TYR A 163 9.08 -5.75 -10.08
C TYR A 163 8.44 -6.86 -9.25
N ARG A 164 7.19 -7.23 -9.49
CA ARG A 164 6.50 -8.11 -8.56
C ARG A 164 7.07 -9.53 -8.57
N ASP A 165 7.59 -10.01 -9.71
CA ASP A 165 8.29 -11.29 -9.69
C ASP A 165 9.44 -11.28 -8.68
N LEU A 166 10.25 -10.23 -8.70
CA LEU A 166 11.37 -10.13 -7.77
C LEU A 166 10.89 -9.97 -6.34
N LEU A 167 9.89 -9.12 -6.10
CA LEU A 167 9.38 -8.90 -4.76
C LEU A 167 8.85 -10.20 -4.15
N LYS A 168 8.08 -10.99 -4.90
CA LYS A 168 7.56 -12.23 -4.36
C LYS A 168 8.69 -13.22 -4.07
N GLU A 169 9.72 -13.25 -4.92
CA GLU A 169 10.91 -14.06 -4.64
C GLU A 169 11.55 -13.65 -3.31
N TYR A 170 11.78 -12.35 -3.12
CA TYR A 170 12.40 -11.89 -1.88
C TYR A 170 11.52 -12.17 -0.67
N PHE A 171 10.21 -12.00 -0.81
CA PHE A 171 9.31 -12.30 0.30
C PHE A 171 9.38 -13.78 0.68
N GLN A 172 9.43 -14.66 -0.33
CA GLN A 172 9.51 -16.09 -0.03
C GLN A 172 10.76 -16.42 0.78
N ALA A 173 11.83 -15.66 0.58
CA ALA A 173 13.10 -15.87 1.25
C ALA A 173 13.24 -15.08 2.55
N GLY A 174 12.18 -14.42 3.02
CA GLY A 174 12.18 -13.85 4.36
C GLY A 174 12.05 -12.34 4.42
N ALA A 175 12.01 -11.63 3.29
CA ALA A 175 11.97 -10.18 3.33
C ALA A 175 10.61 -9.67 3.82
N LYS A 176 10.63 -8.52 4.47
CA LYS A 176 9.40 -7.81 4.77
C LYS A 176 9.04 -6.93 3.58
N TRP A 177 7.73 -6.73 3.39
CA TRP A 177 7.22 -6.16 2.16
C TRP A 177 5.91 -5.47 2.49
N THR A 178 5.89 -4.14 2.41
CA THR A 178 4.76 -3.37 2.86
C THR A 178 4.49 -2.29 1.84
N ALA A 179 3.28 -1.73 1.89
CA ALA A 179 2.91 -0.62 1.03
C ALA A 179 2.32 0.51 1.86
N ALA A 180 2.64 1.73 1.51
CA ALA A 180 1.85 2.84 2.01
C ALA A 180 0.46 2.73 1.37
N PRO A 181 -0.58 3.20 2.04
CA PRO A 181 -1.91 3.17 1.42
C PRO A 181 -1.88 3.84 0.04
N LYS A 182 -2.49 3.17 -0.95
CA LYS A 182 -2.41 3.67 -2.31
C LYS A 182 -3.24 4.95 -2.42
N PRO A 183 -2.68 6.06 -2.85
CA PRO A 183 -3.43 7.33 -2.81
C PRO A 183 -4.53 7.36 -3.85
N GLN A 184 -5.54 8.19 -3.58
CA GLN A 184 -6.67 8.38 -4.48
C GLN A 184 -6.29 9.25 -5.68
N LEU A 185 -5.44 10.24 -5.44
CA LEU A 185 -4.95 11.17 -6.46
C LEU A 185 -6.11 11.92 -7.11
N PHE A 186 -7.08 12.32 -6.30
CA PHE A 186 -8.08 13.29 -6.72
C PHE A 186 -7.42 14.63 -7.09
N ASP A 187 -8.18 15.45 -7.82
CA ASP A 187 -7.68 16.79 -8.13
C ASP A 187 -7.27 17.56 -6.87
N ALA A 188 -7.90 17.27 -5.73
CA ALA A 188 -7.56 17.99 -4.49
C ALA A 188 -6.12 17.80 -4.05
N GLN A 189 -5.42 16.79 -4.56
CA GLN A 189 -4.01 16.55 -4.23
C GLN A 189 -3.07 17.52 -4.94
N TYR A 190 -3.57 18.36 -5.85
CA TYR A 190 -2.72 19.23 -6.66
C TYR A 190 -3.25 20.66 -6.61
N ASP A 191 -2.32 21.62 -6.55
CA ASP A 191 -2.64 23.05 -6.52
C ASP A 191 -2.72 23.54 -7.96
N PHE A 192 -3.94 23.67 -8.48
CA PHE A 192 -4.05 24.09 -9.87
C PHE A 192 -3.86 25.59 -10.06
N ASN A 193 -3.64 26.34 -8.98
CA ASN A 193 -3.25 27.74 -9.09
C ASN A 193 -1.76 27.94 -8.85
N PHE A 194 -0.96 26.86 -8.91
CA PHE A 194 0.43 26.95 -8.51
C PHE A 194 1.21 27.89 -9.42
N GLN A 195 2.12 28.64 -8.82
CA GLN A 195 3.16 29.39 -9.53
C GLN A 195 4.44 29.31 -8.73
N PHE A 196 5.58 29.26 -9.41
CA PHE A 196 6.85 29.22 -8.70
C PHE A 196 6.93 30.41 -7.74
N PRO A 197 7.47 30.23 -6.53
CA PRO A 197 7.68 31.38 -5.64
C PRO A 197 8.64 32.40 -6.24
N GLN A 198 8.58 33.62 -5.71
CA GLN A 198 9.58 34.64 -6.03
C GLN A 198 10.90 34.32 -5.33
N THR A 199 11.96 35.02 -5.75
CA THR A 199 13.30 34.71 -5.25
C THR A 199 13.36 34.82 -3.73
N GLY A 200 12.67 35.82 -3.17
CA GLY A 200 12.64 35.95 -1.73
C GLY A 200 11.78 34.90 -1.05
N GLU A 201 10.60 34.63 -1.62
CA GLU A 201 9.55 33.89 -0.92
C GLU A 201 10.00 32.50 -0.50
N PRO A 202 9.28 31.88 0.44
CA PRO A 202 9.59 30.50 0.84
C PRO A 202 9.21 29.50 -0.23
N SER A 203 9.86 28.34 -0.17
CA SER A 203 9.61 27.32 -1.17
C SER A 203 8.17 26.85 -1.10
N ARG A 204 7.69 26.32 -2.23
CA ARG A 204 6.33 25.83 -2.34
C ARG A 204 6.32 24.87 -3.53
N PHE A 205 5.46 23.86 -3.46
CA PHE A 205 5.38 22.85 -4.50
C PHE A 205 3.93 22.57 -4.85
N VAL A 206 3.75 21.81 -5.93
CA VAL A 206 2.41 21.64 -6.52
C VAL A 206 1.52 20.70 -5.72
N VAL A 207 2.07 19.72 -5.01
CA VAL A 207 1.20 18.84 -4.22
C VAL A 207 0.70 19.57 -2.98
N THR A 208 -0.50 19.22 -2.57
CA THR A 208 -1.19 19.77 -1.41
C THR A 208 -1.02 18.82 -0.23
N GLU A 209 -1.80 19.03 0.83
CA GLU A 209 -1.85 18.13 1.98
C GLU A 209 -3.14 17.32 2.05
N PHE A 210 -3.73 17.02 0.89
CA PHE A 210 -4.97 16.25 0.86
C PHE A 210 -4.75 14.81 1.37
N GLU A 211 -3.68 14.14 0.94
CA GLU A 211 -3.43 12.77 1.35
C GLU A 211 -1.94 12.48 1.30
N PRO A 212 -1.48 11.40 1.96
CA PRO A 212 -0.04 11.11 2.00
C PRO A 212 0.49 10.68 0.64
N THR A 213 1.53 11.39 0.14
CA THR A 213 2.26 10.97 -1.06
C THR A 213 3.76 11.20 -0.84
N PHE A 214 4.55 10.25 -1.34
CA PHE A 214 5.99 10.48 -1.47
C PHE A 214 6.56 9.54 -2.52
N ASP A 215 7.66 9.99 -3.12
CA ASP A 215 8.54 9.15 -3.93
C ASP A 215 9.71 8.72 -3.06
N ALA A 216 10.13 7.47 -3.22
CA ALA A 216 11.20 6.96 -2.37
C ALA A 216 12.49 7.73 -2.61
N ALA A 217 12.70 8.23 -3.82
CA ALA A 217 13.95 8.90 -4.15
C ALA A 217 14.02 10.33 -3.62
N ASP A 218 12.99 10.81 -2.91
CA ASP A 218 13.13 12.04 -2.13
C ASP A 218 13.81 11.79 -0.77
N PHE A 219 14.33 10.58 -0.54
CA PHE A 219 15.01 10.21 0.71
C PHE A 219 16.34 9.52 0.43
N VAL A 220 17.33 9.78 1.28
CA VAL A 220 18.60 9.04 1.28
C VAL A 220 18.86 8.53 2.68
N ARG A 221 19.57 7.39 2.78
CA ARG A 221 19.62 6.57 3.99
C ARG A 221 21.00 6.57 4.65
N CYS A 222 21.04 6.89 5.95
CA CYS A 222 22.27 6.87 6.76
C CYS A 222 22.05 6.08 8.06
N GLY A 223 21.71 4.81 7.92
CA GLY A 223 21.42 4.00 9.10
C GLY A 223 20.16 4.49 9.79
N ARG A 224 20.27 4.74 11.10
CA ARG A 224 19.12 5.18 11.89
C ARG A 224 18.62 6.57 11.50
N ASP A 225 19.41 7.34 10.75
CA ASP A 225 19.03 8.69 10.33
C ASP A 225 18.84 8.71 8.83
N ILE A 226 17.67 9.20 8.40
CA ILE A 226 17.27 9.30 7.00
C ILE A 226 16.98 10.76 6.69
N PHE A 227 17.43 11.23 5.54
CA PHE A 227 17.23 12.62 5.14
C PHE A 227 16.26 12.68 3.96
N GLY A 228 15.28 13.57 4.06
CA GLY A 228 14.30 13.75 2.99
C GLY A 228 14.06 15.21 2.71
N GLN A 229 13.24 15.46 1.70
CA GLN A 229 12.80 16.81 1.37
C GLN A 229 11.34 16.75 0.92
N LYS A 230 10.62 17.85 1.15
CA LYS A 230 9.39 18.12 0.40
C LYS A 230 9.75 18.43 -1.06
N SER A 231 8.83 18.14 -1.97
CA SER A 231 9.09 18.31 -3.40
C SER A 231 7.75 18.42 -4.12
N HIS A 232 7.81 18.44 -5.46
CA HIS A 232 6.56 18.43 -6.22
C HIS A 232 5.78 17.12 -6.10
N VAL A 233 6.33 16.07 -5.49
CA VAL A 233 5.59 14.83 -5.29
C VAL A 233 5.51 14.38 -3.83
N THR A 234 6.35 14.90 -2.93
CA THR A 234 6.39 14.45 -1.53
C THR A 234 5.89 15.58 -0.65
N ASN A 235 4.80 15.33 0.10
CA ASN A 235 4.22 16.34 0.98
C ASN A 235 4.45 15.98 2.45
N SER A 236 3.97 16.86 3.33
CA SER A 236 4.22 16.67 4.76
C SER A 236 3.53 15.41 5.28
N LEU A 237 2.33 15.11 4.77
CA LEU A 237 1.63 13.90 5.20
C LEU A 237 2.43 12.65 4.82
N GLY A 238 3.03 12.66 3.63
CA GLY A 238 3.84 11.51 3.21
C GLY A 238 5.05 11.32 4.09
N ILE A 239 5.74 12.42 4.43
CA ILE A 239 6.88 12.34 5.33
C ILE A 239 6.42 11.85 6.70
N GLU A 240 5.31 12.39 7.19
CA GLU A 240 4.75 11.99 8.48
CA GLU A 240 4.78 11.98 8.49
C GLU A 240 4.39 10.51 8.49
N TRP A 241 3.86 10.02 7.36
CA TRP A 241 3.54 8.60 7.25
C TRP A 241 4.80 7.77 7.37
N LEU A 242 5.87 8.14 6.67
CA LEU A 242 7.09 7.34 6.73
C LEU A 242 7.72 7.40 8.12
N GLN A 243 7.70 8.58 8.74
CA GLN A 243 8.26 8.66 10.10
CA GLN A 243 8.23 8.71 10.11
C GLN A 243 7.49 7.78 11.06
N ARG A 244 6.16 7.72 10.94
CA ARG A 244 5.41 6.87 11.85
C ARG A 244 5.68 5.40 11.56
N HIS A 245 5.73 5.02 10.28
CA HIS A 245 6.00 3.63 9.93
C HIS A 245 7.34 3.17 10.48
N LEU A 246 8.34 4.06 10.51
CA LEU A 246 9.71 3.72 10.90
C LEU A 246 10.07 4.22 12.31
N GLU A 247 9.09 4.59 13.13
CA GLU A 247 9.40 5.35 14.35
C GLU A 247 10.13 4.54 15.42
N ASP A 248 10.01 3.21 15.40
CA ASP A 248 10.67 2.41 16.44
C ASP A 248 12.20 2.50 16.34
N GLU A 249 12.74 2.68 15.14
CA GLU A 249 14.18 2.55 14.95
C GLU A 249 14.83 3.70 14.19
N TYR A 250 14.06 4.56 13.50
CA TYR A 250 14.63 5.52 12.56
C TYR A 250 14.14 6.94 12.87
N ARG A 251 14.98 7.89 12.52
CA ARG A 251 14.67 9.31 12.62
C ARG A 251 14.82 9.91 11.23
N ILE A 252 13.79 10.64 10.78
CA ILE A 252 13.80 11.30 9.47
C ILE A 252 14.00 12.80 9.64
N HIS A 253 15.00 13.34 8.96
CA HIS A 253 15.36 14.75 9.00
C HIS A 253 15.02 15.37 7.65
N ILE A 254 14.38 16.52 7.67
CA ILE A 254 13.89 17.15 6.44
C ILE A 254 14.78 18.35 6.13
N ILE A 255 15.37 18.36 4.93
CA ILE A 255 16.16 19.49 4.47
C ILE A 255 15.27 20.41 3.63
N GLU A 256 15.71 21.66 3.47
CA GLU A 256 15.07 22.63 2.58
C GLU A 256 15.86 22.72 1.28
N SER A 257 15.23 22.40 0.16
CA SER A 257 15.85 22.60 -1.14
C SER A 257 15.55 24.01 -1.66
N GLN A 258 16.55 24.62 -2.28
CA GLN A 258 16.38 25.86 -3.02
C GLN A 258 16.04 25.64 -4.49
N CYS A 259 15.88 24.39 -4.94
CA CYS A 259 15.56 24.11 -6.33
C CYS A 259 14.06 24.28 -6.54
N PRO A 260 13.61 25.24 -7.34
CA PRO A 260 12.15 25.41 -7.52
C PRO A 260 11.48 24.25 -8.23
N GLU A 261 12.25 23.45 -8.97
CA GLU A 261 11.80 22.29 -9.73
C GLU A 261 11.92 20.98 -8.94
N ALA A 262 12.10 21.05 -7.62
CA ALA A 262 12.58 19.92 -6.84
C ALA A 262 11.71 18.69 -7.04
N LEU A 263 12.37 17.57 -7.33
CA LEU A 263 11.72 16.28 -7.49
C LEU A 263 12.83 15.23 -7.38
N HIS A 264 12.92 14.60 -6.22
CA HIS A 264 13.95 13.65 -5.82
C HIS A 264 15.17 14.37 -5.27
N ILE A 265 15.80 13.76 -4.27
CA ILE A 265 16.87 14.39 -3.50
C ILE A 265 18.26 13.96 -3.96
N ASP A 266 18.37 12.99 -4.87
CA ASP A 266 19.65 12.36 -5.14
C ASP A 266 20.45 13.06 -6.24
N THR A 267 20.16 14.35 -6.51
CA THR A 267 21.13 15.29 -7.07
C THR A 267 21.35 16.46 -6.13
N THR A 268 20.89 16.37 -4.87
CA THR A 268 20.95 17.45 -3.90
C THR A 268 21.79 17.09 -2.69
N LEU A 269 21.55 15.92 -2.09
CA LEU A 269 22.18 15.49 -0.84
C LEU A 269 22.49 14.01 -1.00
N MET A 270 23.77 13.65 -1.08
CA MET A 270 24.20 12.28 -1.35
C MET A 270 25.23 11.79 -0.34
N PRO A 271 24.81 11.02 0.65
CA PRO A 271 25.77 10.34 1.53
C PRO A 271 26.65 9.40 0.71
N LEU A 272 27.97 9.50 0.91
CA LEU A 272 28.90 8.64 0.19
C LEU A 272 29.57 7.59 1.07
N ALA A 273 29.75 7.88 2.35
CA ALA A 273 30.44 7.01 3.30
C ALA A 273 30.23 7.59 4.70
N PRO A 274 30.46 6.80 5.75
CA PRO A 274 30.38 7.35 7.09
C PRO A 274 31.23 8.61 7.22
N GLY A 275 30.61 9.70 7.65
CA GLY A 275 31.26 10.99 7.81
C GLY A 275 31.44 11.81 6.55
N LYS A 276 30.91 11.38 5.39
CA LYS A 276 31.14 12.05 4.11
C LYS A 276 29.82 12.21 3.35
N ILE A 277 29.40 13.44 3.09
CA ILE A 277 28.15 13.69 2.39
C ILE A 277 28.37 14.76 1.32
N LEU A 278 27.96 14.43 0.10
CA LEU A 278 28.09 15.28 -1.07
C LEU A 278 26.88 16.20 -1.20
N VAL A 279 27.12 17.51 -1.37
CA VAL A 279 26.05 18.50 -1.34
C VAL A 279 26.11 19.39 -2.58
N ASN A 280 24.93 19.69 -3.11
CA ASN A 280 24.79 20.53 -4.30
C ASN A 280 24.89 22.00 -3.91
N PRO A 281 25.85 22.75 -4.44
CA PRO A 281 26.04 24.13 -3.94
C PRO A 281 24.94 25.10 -4.36
N GLU A 282 24.17 24.79 -5.39
CA GLU A 282 23.06 25.65 -5.81
CA GLU A 282 23.06 25.65 -5.81
C GLU A 282 21.75 25.32 -5.12
N PHE A 283 21.52 24.05 -4.78
CA PHE A 283 20.26 23.65 -4.17
C PHE A 283 20.28 23.67 -2.64
N VAL A 284 21.45 23.72 -2.00
CA VAL A 284 21.57 23.61 -0.54
C VAL A 284 22.29 24.83 0.00
N ASP A 285 21.69 25.48 1.00
CA ASP A 285 22.40 26.44 1.86
C ASP A 285 23.01 25.64 3.01
N VAL A 286 24.33 25.45 2.99
CA VAL A 286 24.97 24.58 3.98
C VAL A 286 24.76 25.08 5.39
N ASN A 287 24.50 26.38 5.55
CA ASN A 287 24.34 26.96 6.87
C ASN A 287 22.96 26.71 7.47
N LYS A 288 22.01 26.22 6.68
CA LYS A 288 20.68 25.90 7.17
C LYS A 288 20.42 24.40 7.21
N LEU A 289 21.45 23.59 6.99
CA LEU A 289 21.29 22.14 7.03
C LEU A 289 20.99 21.67 8.45
N PRO A 290 20.28 20.55 8.61
CA PRO A 290 20.04 20.01 9.95
C PRO A 290 21.33 19.94 10.76
N LYS A 291 21.23 20.27 12.05
CA LYS A 291 22.44 20.38 12.85
C LYS A 291 23.14 19.05 13.05
N ILE A 292 22.42 17.93 12.95
CA ILE A 292 23.04 16.61 13.11
C ILE A 292 24.20 16.43 12.15
N LEU A 293 24.15 17.08 10.99
CA LEU A 293 25.22 16.92 10.01
C LEU A 293 26.53 17.59 10.44
N LYS A 294 26.56 18.33 11.56
CA LYS A 294 27.76 19.06 11.95
C LYS A 294 28.95 18.14 12.19
N SER A 295 28.73 16.89 12.59
CA SER A 295 29.83 15.96 12.84
C SER A 295 30.43 15.36 11.57
N TRP A 296 29.79 15.56 10.40
CA TRP A 296 30.26 15.03 9.14
C TRP A 296 31.00 16.08 8.32
N ASP A 297 31.82 15.59 7.39
CA ASP A 297 32.44 16.44 6.37
C ASP A 297 31.46 16.70 5.25
N ILE A 298 31.19 17.98 4.98
CA ILE A 298 30.32 18.39 3.89
C ILE A 298 31.21 18.59 2.66
N LEU A 299 31.01 17.73 1.67
CA LEU A 299 31.77 17.76 0.43
C LEU A 299 30.93 18.53 -0.59
N VAL A 300 31.34 19.75 -0.92
CA VAL A 300 30.56 20.59 -1.83
C VAL A 300 30.89 20.22 -3.27
N ALA A 301 29.87 19.82 -4.03
CA ALA A 301 30.10 19.36 -5.39
C ALA A 301 30.72 20.45 -6.24
N PRO A 302 31.64 20.12 -7.13
CA PRO A 302 32.12 21.09 -8.11
C PRO A 302 31.04 21.39 -9.14
N TYR A 303 31.20 22.55 -9.80
CA TYR A 303 30.33 22.94 -10.91
C TYR A 303 30.73 22.18 -12.18
N PRO A 304 29.77 21.62 -12.93
CA PRO A 304 30.12 20.74 -14.05
C PRO A 304 30.66 21.47 -15.27
N ASN A 305 30.29 22.74 -15.47
CA ASN A 305 30.67 23.46 -16.69
C ASN A 305 30.31 22.61 -17.92
N HIS A 306 29.13 22.02 -17.89
CA HIS A 306 28.70 21.05 -18.89
C HIS A 306 27.20 20.85 -18.76
N ILE A 307 26.47 21.08 -19.86
CA ILE A 307 25.04 20.82 -19.95
C ILE A 307 24.85 19.62 -20.86
N PRO A 308 24.35 18.48 -20.37
CA PRO A 308 24.08 17.37 -21.28
C PRO A 308 23.00 17.78 -22.28
N GLN A 309 23.08 17.25 -23.50
CA GLN A 309 22.07 17.54 -24.49
C GLN A 309 21.43 16.26 -25.02
N ASN A 310 20.11 16.33 -25.26
CA ASN A 310 19.38 15.24 -25.90
C ASN A 310 18.19 15.83 -26.64
N GLN A 311 17.62 15.04 -27.54
CA GLN A 311 16.57 15.54 -28.42
C GLN A 311 15.27 15.88 -27.68
N LEU A 312 15.13 15.53 -26.39
CA LEU A 312 13.98 15.92 -25.59
C LEU A 312 14.28 16.95 -24.53
N ARG A 313 15.52 16.98 -24.01
CA ARG A 313 16.02 17.87 -22.95
C ARG A 313 15.15 17.99 -21.70
N LEU A 314 15.21 17.00 -20.82
CA LEU A 314 14.70 17.10 -19.46
C LEU A 314 15.84 17.02 -18.45
N VAL A 315 17.05 17.38 -18.88
CA VAL A 315 18.28 17.28 -18.10
C VAL A 315 18.35 18.39 -17.06
N SER A 316 18.95 18.08 -15.91
CA SER A 316 19.52 19.07 -15.02
C SER A 316 21.03 18.94 -15.11
N GLU A 317 21.72 20.06 -15.03
CA GLU A 317 23.17 19.98 -15.09
C GLU A 317 23.75 19.32 -13.85
N TRP A 318 22.95 19.14 -12.80
CA TRP A 318 23.46 18.54 -11.57
C TRP A 318 23.33 17.03 -11.57
N ALA A 319 23.09 16.42 -12.73
CA ALA A 319 22.99 14.97 -12.80
C ALA A 319 24.26 14.26 -12.33
N GLY A 320 25.39 14.96 -12.27
CA GLY A 320 26.65 14.34 -11.88
C GLY A 320 26.67 13.85 -10.44
N LEU A 321 25.83 14.41 -9.57
CA LEU A 321 25.74 13.97 -8.18
C LEU A 321 25.03 12.63 -8.01
N ASN A 322 24.35 12.11 -9.04
CA ASN A 322 23.55 10.89 -8.92
C ASN A 322 24.44 9.66 -9.00
N VAL A 323 25.49 9.62 -8.18
CA VAL A 323 26.47 8.53 -8.18
C VAL A 323 25.95 7.31 -7.43
N LEU A 324 26.64 6.18 -7.61
CA LEU A 324 26.30 4.92 -6.93
C LEU A 324 27.56 4.39 -6.27
N MET A 325 27.49 4.15 -4.96
CA MET A 325 28.60 3.59 -4.20
C MET A 325 28.53 2.07 -4.22
N LEU A 326 29.65 1.42 -4.56
CA LEU A 326 29.77 -0.02 -4.45
C LEU A 326 30.28 -0.46 -3.09
N ASP A 327 30.99 0.42 -2.39
CA ASP A 327 31.37 0.29 -0.99
C ASP A 327 31.75 1.71 -0.56
N GLU A 328 32.48 1.85 0.55
CA GLU A 328 32.81 3.19 1.02
C GLU A 328 33.81 3.93 0.14
N GLU A 329 34.42 3.24 -0.83
CA GLU A 329 35.48 3.81 -1.65
C GLU A 329 35.13 3.87 -3.13
N ARG A 330 34.63 2.77 -3.69
CA ARG A 330 34.38 2.69 -5.14
C ARG A 330 33.04 3.35 -5.47
N VAL A 331 33.07 4.26 -6.44
CA VAL A 331 31.90 5.06 -6.80
C VAL A 331 31.79 5.13 -8.33
N ILE A 332 30.61 4.81 -8.86
CA ILE A 332 30.35 4.90 -10.29
C ILE A 332 29.89 6.33 -10.57
N VAL A 333 30.51 6.95 -11.59
CA VAL A 333 30.29 8.36 -11.92
C VAL A 333 30.39 8.48 -13.43
N GLU A 334 29.69 9.47 -13.97
CA GLU A 334 29.51 9.57 -15.41
C GLU A 334 30.72 10.23 -16.10
N LYS A 335 31.05 9.71 -17.28
CA LYS A 335 32.31 9.99 -17.94
C LYS A 335 32.51 11.48 -18.26
N LYS A 336 31.44 12.19 -18.62
CA LYS A 336 31.62 13.60 -18.95
C LYS A 336 31.64 14.49 -17.71
N GLN A 337 31.46 13.93 -16.52
CA GLN A 337 31.47 14.73 -15.30
C GLN A 337 32.89 14.86 -14.76
N GLU A 338 33.75 15.48 -15.57
CA GLU A 338 35.16 15.50 -15.22
C GLU A 338 35.44 16.23 -13.92
N PRO A 339 34.78 17.34 -13.60
CA PRO A 339 35.01 17.95 -12.28
C PRO A 339 34.62 17.04 -11.12
N MET A 340 33.48 16.36 -11.21
CA MET A 340 33.10 15.41 -10.16
C MET A 340 34.15 14.31 -10.01
N ILE A 341 34.63 13.75 -11.13
CA ILE A 341 35.62 12.67 -11.08
C ILE A 341 36.87 13.14 -10.32
N LYS A 342 37.35 14.34 -10.63
CA LYS A 342 38.54 14.87 -9.97
C LYS A 342 38.29 15.11 -8.49
N ALA A 343 37.14 15.72 -8.14
CA ALA A 343 36.84 15.98 -6.74
C ALA A 343 36.73 14.70 -5.94
N LEU A 344 36.05 13.69 -6.49
CA LEU A 344 35.95 12.41 -5.80
C LEU A 344 37.32 11.81 -5.54
N LYS A 345 38.23 11.84 -6.53
CA LYS A 345 39.57 11.32 -6.30
C LYS A 345 40.27 12.11 -5.19
N ASP A 346 40.20 13.43 -5.27
CA ASP A 346 40.88 14.26 -4.27
C ASP A 346 40.29 14.04 -2.88
N TRP A 347 39.00 13.69 -2.79
CA TRP A 347 38.38 13.40 -1.50
C TRP A 347 38.67 11.98 -1.00
N GLY A 348 39.41 11.17 -1.76
CA GLY A 348 39.83 9.85 -1.32
C GLY A 348 39.03 8.68 -1.86
N PHE A 349 38.09 8.92 -2.77
CA PHE A 349 37.29 7.86 -3.36
C PHE A 349 38.00 7.32 -4.61
N LYS A 350 37.47 6.21 -5.13
CA LYS A 350 38.01 5.55 -6.32
C LYS A 350 36.93 5.54 -7.39
N PRO A 351 36.90 6.55 -8.28
CA PRO A 351 35.84 6.60 -9.29
C PRO A 351 35.99 5.51 -10.33
N ILE A 352 34.85 4.93 -10.71
CA ILE A 352 34.76 4.01 -11.83
C ILE A 352 33.85 4.68 -12.85
N VAL A 353 34.40 5.02 -14.00
CA VAL A 353 33.73 5.90 -14.95
C VAL A 353 32.87 5.06 -15.89
N CYS A 354 31.72 5.62 -16.27
CA CYS A 354 30.78 4.96 -17.17
C CYS A 354 30.04 6.00 -18.01
N SER A 355 29.90 5.77 -19.32
CA SER A 355 29.08 6.63 -20.17
C SER A 355 27.61 6.30 -19.93
N PHE A 356 26.79 7.33 -19.69
CA PHE A 356 25.42 7.12 -19.23
C PHE A 356 24.50 8.29 -19.51
N GLU A 357 24.94 9.31 -20.28
CA GLU A 357 24.06 10.44 -20.55
C GLU A 357 22.83 10.05 -21.38
N SER A 358 22.88 8.92 -22.10
CA SER A 358 21.71 8.44 -22.84
C SER A 358 20.58 8.01 -21.93
N TYR A 359 20.87 7.78 -20.65
CA TYR A 359 19.85 7.45 -19.67
C TYR A 359 19.13 8.68 -19.15
N TYR A 360 19.76 9.86 -19.21
CA TYR A 360 19.19 11.05 -18.60
C TYR A 360 17.79 11.39 -19.09
N PRO A 361 17.43 11.21 -20.37
CA PRO A 361 16.06 11.53 -20.80
C PRO A 361 15.02 10.66 -20.15
N PHE A 362 15.41 9.53 -19.56
CA PHE A 362 14.52 8.68 -18.79
C PHE A 362 14.46 9.09 -17.33
N LEU A 363 15.03 10.25 -16.99
CA LEU A 363 14.90 10.96 -15.73
C LEU A 363 15.72 10.33 -14.59
N GLY A 364 16.83 9.69 -14.94
CA GLY A 364 17.73 9.20 -13.91
C GLY A 364 19.15 9.00 -14.39
N SER A 365 20.05 8.83 -13.41
CA SER A 365 21.38 8.30 -13.69
C SER A 365 21.58 7.10 -12.77
N PHE A 366 22.82 6.82 -12.33
CA PHE A 366 23.14 5.51 -11.74
C PHE A 366 22.33 5.24 -10.47
N HIS A 367 22.24 6.22 -9.57
CA HIS A 367 21.51 6.00 -8.34
C HIS A 367 20.01 5.81 -8.61
N CYS A 368 19.44 6.60 -9.52
CA CYS A 368 18.03 6.47 -9.89
C CYS A 368 17.73 5.11 -10.50
N ALA A 369 18.67 4.60 -11.30
CA ALA A 369 18.52 3.40 -12.09
C ALA A 369 18.67 2.13 -11.28
N THR A 370 18.91 2.22 -9.97
CA THR A 370 19.17 1.05 -9.15
C THR A 370 18.34 1.04 -7.88
N LEU A 371 18.10 -0.16 -7.37
CA LEU A 371 17.60 -0.35 -6.01
C LEU A 371 18.56 -1.34 -5.34
N ASP A 372 19.31 -0.85 -4.35
CA ASP A 372 20.33 -1.67 -3.66
C ASP A 372 19.68 -2.55 -2.60
N VAL A 373 19.20 -3.73 -3.01
CA VAL A 373 18.46 -4.58 -2.09
C VAL A 373 19.36 -5.27 -1.06
N ARG A 374 20.63 -5.50 -1.36
CA ARG A 374 21.51 -6.14 -0.37
C ARG A 374 22.88 -5.48 -0.35
N ARG A 375 23.16 -4.83 0.78
CA ARG A 375 24.48 -4.34 1.14
C ARG A 375 24.88 -4.98 2.47
N ARG A 376 26.05 -5.58 2.51
CA ARG A 376 26.51 -6.27 3.72
C ARG A 376 26.66 -5.27 4.88
N GLY A 377 25.89 -5.45 5.94
CA GLY A 377 26.00 -4.56 7.07
C GLY A 377 24.82 -4.66 8.02
N THR A 378 24.86 -3.79 9.03
CA THR A 378 23.92 -3.75 10.14
C THR A 378 23.44 -2.32 10.35
N LEU A 379 22.44 -2.15 11.23
CA LEU A 379 21.89 -0.84 11.56
C LEU A 379 22.77 -0.14 12.59
N GLN A 380 23.26 1.05 12.24
CA GLN A 380 24.06 1.86 13.14
C GLN A 380 23.60 3.32 13.09
N SER A 381 24.05 4.10 14.07
CA SER A 381 23.97 5.55 14.03
C SER A 381 25.36 6.12 13.78
N TYR A 382 25.43 7.14 12.91
CA TYR A 382 26.70 7.63 12.40
C TYR A 382 27.02 9.06 12.79
N PHE A 383 26.16 9.74 13.52
CA PHE A 383 26.35 11.18 13.71
C PHE A 383 26.74 11.54 15.13
N CYS B 26 -4.83 6.80 21.77
CA CYS B 26 -5.07 6.98 20.35
C CYS B 26 -6.51 6.51 20.00
N PRO B 27 -7.17 7.16 19.05
CA PRO B 27 -8.58 6.83 18.78
C PRO B 27 -8.79 5.44 18.23
N VAL B 28 -7.77 4.84 17.62
CA VAL B 28 -7.81 3.46 17.13
C VAL B 28 -7.17 2.60 18.19
N ASN B 29 -7.93 1.64 18.72
CA ASN B 29 -7.46 0.80 19.80
C ASN B 29 -8.43 -0.37 19.94
N SER B 30 -8.14 -1.48 19.27
CA SER B 30 -9.01 -2.64 19.36
C SER B 30 -8.17 -3.89 19.18
N TYR B 31 -8.22 -4.79 20.17
CA TYR B 31 -7.37 -5.97 20.22
C TYR B 31 -8.13 -7.29 20.15
N ASN B 32 -9.46 -7.25 20.18
CA ASN B 32 -10.28 -8.45 20.16
C ASN B 32 -11.71 -8.07 19.77
N GLU B 33 -12.58 -9.07 19.75
CA GLU B 33 -13.96 -8.87 19.32
C GLU B 33 -14.91 -8.47 20.44
N TRP B 34 -14.44 -8.34 21.70
CA TRP B 34 -15.37 -8.27 22.84
C TRP B 34 -15.14 -7.13 23.83
N ASP B 35 -13.97 -6.48 23.88
CA ASP B 35 -13.80 -5.38 24.83
C ASP B 35 -14.85 -4.29 24.59
N ALA B 36 -15.19 -3.55 25.65
CA ALA B 36 -16.26 -2.56 25.59
C ALA B 36 -16.14 -1.64 24.38
N LEU B 37 -17.20 -1.56 23.57
CA LEU B 37 -17.15 -0.88 22.27
C LEU B 37 -17.40 0.62 22.43
N GLU B 38 -16.45 1.43 21.94
CA GLU B 38 -16.54 2.88 22.03
C GLU B 38 -16.77 3.56 20.68
N GLU B 39 -16.19 3.05 19.60
CA GLU B 39 -16.33 3.71 18.30
C GLU B 39 -16.26 2.66 17.21
N VAL B 40 -17.16 2.79 16.25
CA VAL B 40 -17.31 1.82 15.18
C VAL B 40 -17.60 2.57 13.89
N ILE B 41 -17.04 2.08 12.77
CA ILE B 41 -17.45 2.51 11.44
C ILE B 41 -18.56 1.58 10.99
N VAL B 42 -19.62 2.14 10.42
CA VAL B 42 -20.71 1.31 9.91
C VAL B 42 -20.80 1.47 8.40
N GLY B 43 -21.21 0.39 7.74
CA GLY B 43 -21.34 0.38 6.29
C GLY B 43 -22.47 1.25 5.79
N SER B 44 -22.53 1.36 4.46
CA SER B 44 -23.56 2.12 3.74
C SER B 44 -23.98 1.31 2.52
N VAL B 45 -25.28 1.34 2.21
CA VAL B 45 -25.81 0.66 1.04
C VAL B 45 -26.07 1.62 -0.12
N GLU B 46 -25.87 2.91 0.08
CA GLU B 46 -26.15 3.88 -0.96
C GLU B 46 -25.23 3.67 -2.16
N GLY B 47 -25.82 3.70 -3.36
CA GLY B 47 -25.07 3.56 -4.60
C GLY B 47 -24.55 2.18 -4.88
N ALA B 48 -25.04 1.16 -4.17
CA ALA B 48 -24.49 -0.19 -4.28
C ALA B 48 -24.77 -0.81 -5.65
N MET B 49 -23.77 -1.52 -6.15
CA MET B 49 -23.84 -2.30 -7.39
C MET B 49 -23.89 -3.78 -7.06
N LEU B 50 -24.66 -4.54 -7.84
CA LEU B 50 -24.81 -5.96 -7.55
C LEU B 50 -23.46 -6.67 -7.63
N PRO B 51 -23.27 -7.74 -6.85
CA PRO B 51 -22.02 -8.51 -6.96
C PRO B 51 -21.90 -9.19 -8.31
N ALA B 52 -20.68 -9.28 -8.81
CA ALA B 52 -20.40 -9.97 -10.06
C ALA B 52 -20.22 -11.47 -9.80
N LEU B 53 -20.77 -12.29 -10.69
CA LEU B 53 -20.69 -13.73 -10.51
C LEU B 53 -19.29 -14.24 -10.76
N GLU B 54 -18.62 -13.72 -11.77
CA GLU B 54 -17.36 -14.29 -12.22
C GLU B 54 -16.22 -13.42 -11.74
N PRO B 55 -15.12 -14.03 -11.28
CA PRO B 55 -14.84 -15.48 -11.19
C PRO B 55 -14.97 -16.06 -9.77
N ILE B 56 -15.29 -15.23 -8.76
CA ILE B 56 -15.33 -15.69 -7.38
C ILE B 56 -16.75 -15.98 -6.89
N ASN B 57 -17.63 -14.98 -6.96
CA ASN B 57 -18.84 -15.02 -6.14
C ASN B 57 -19.75 -16.19 -6.47
N LYS B 58 -19.73 -16.69 -7.71
CA LYS B 58 -20.62 -17.79 -8.05
C LYS B 58 -20.31 -19.03 -7.22
N TRP B 59 -19.08 -19.18 -6.73
CA TRP B 59 -18.72 -20.33 -5.90
C TRP B 59 -19.04 -20.14 -4.43
N THR B 60 -19.63 -19.01 -4.05
CA THR B 60 -19.86 -18.69 -2.66
C THR B 60 -21.33 -18.62 -2.28
N PHE B 61 -22.25 -18.75 -3.25
CA PHE B 61 -23.67 -18.68 -3.02
C PHE B 61 -24.24 -20.06 -2.71
N PRO B 62 -25.37 -20.11 -1.97
CA PRO B 62 -25.98 -21.42 -1.64
C PRO B 62 -26.26 -22.25 -2.90
N THR B 76 -19.06 -9.05 -14.80
CA THR B 76 -18.04 -8.18 -14.19
C THR B 76 -18.65 -6.92 -13.60
N GLY B 77 -19.93 -6.99 -13.23
CA GLY B 77 -20.62 -5.88 -12.62
C GLY B 77 -21.39 -5.03 -13.61
N GLY B 78 -21.60 -3.78 -13.21
CA GLY B 78 -22.26 -2.79 -14.05
C GLY B 78 -23.77 -2.64 -13.86
N ILE B 79 -24.37 -3.41 -12.95
CA ILE B 79 -25.81 -3.39 -12.73
C ILE B 79 -26.07 -2.92 -11.31
N PRO B 80 -26.89 -1.88 -11.09
CA PRO B 80 -27.15 -1.43 -9.72
C PRO B 80 -28.09 -2.37 -8.98
N TYR B 81 -27.97 -2.38 -7.66
CA TYR B 81 -29.01 -3.00 -6.84
C TYR B 81 -30.31 -2.27 -7.12
N PRO B 82 -31.45 -2.98 -7.22
CA PRO B 82 -32.75 -2.29 -7.30
C PRO B 82 -32.87 -1.23 -6.23
N PRO B 83 -33.30 -0.01 -6.60
CA PRO B 83 -33.47 1.03 -5.57
C PRO B 83 -34.33 0.61 -4.39
N GLU B 84 -35.35 -0.22 -4.61
CA GLU B 84 -36.20 -0.65 -3.49
C GLU B 84 -35.41 -1.50 -2.50
N MET B 85 -34.49 -2.34 -2.98
CA MET B 85 -33.67 -3.15 -2.09
C MET B 85 -32.76 -2.26 -1.25
N ILE B 86 -32.13 -1.25 -1.88
CA ILE B 86 -31.33 -0.30 -1.12
C ILE B 86 -32.18 0.41 -0.08
N ALA B 87 -33.38 0.86 -0.45
CA ALA B 87 -34.19 1.64 0.48
C ALA B 87 -34.56 0.83 1.72
N VAL B 88 -35.00 -0.42 1.55
CA VAL B 88 -35.38 -1.23 2.71
C VAL B 88 -34.15 -1.51 3.57
N ALA B 89 -33.02 -1.84 2.95
CA ALA B 89 -31.80 -2.08 3.73
C ALA B 89 -31.38 -0.81 4.47
N HIS B 90 -31.51 0.35 3.83
CA HIS B 90 -31.13 1.60 4.49
C HIS B 90 -31.96 1.84 5.74
N LYS B 91 -33.24 1.48 5.70
CA LYS B 91 -34.10 1.66 6.87
C LYS B 91 -33.65 0.76 8.02
N GLU B 92 -33.38 -0.51 7.74
CA GLU B 92 -32.93 -1.39 8.82
C GLU B 92 -31.55 -0.98 9.30
N LEU B 93 -30.70 -0.51 8.39
CA LEU B 93 -29.40 -0.01 8.78
C LEU B 93 -29.54 1.18 9.74
N ASN B 94 -30.52 2.05 9.50
CA ASN B 94 -30.66 3.18 10.40
C ASN B 94 -31.09 2.74 11.78
N GLU B 95 -31.90 1.67 11.88
CA GLU B 95 -32.28 1.23 13.21
C GLU B 95 -31.13 0.50 13.92
N PHE B 96 -30.29 -0.23 13.17
CA PHE B 96 -29.07 -0.81 13.75
C PHE B 96 -28.18 0.29 14.33
N ILE B 97 -27.96 1.35 13.55
CA ILE B 97 -27.17 2.49 14.02
C ILE B 97 -27.79 3.08 15.27
N HIS B 98 -29.11 3.24 15.27
CA HIS B 98 -29.83 3.77 16.43
CA HIS B 98 -29.73 3.82 16.45
C HIS B 98 -29.60 2.92 17.66
N ILE B 99 -29.64 1.60 17.50
CA ILE B 99 -29.37 0.70 18.62
C ILE B 99 -27.97 0.94 19.16
N LEU B 100 -26.98 1.01 18.27
CA LEU B 100 -25.60 1.24 18.70
C LEU B 100 -25.47 2.56 19.45
N GLU B 101 -26.06 3.62 18.92
CA GLU B 101 -25.93 4.92 19.56
C GLU B 101 -26.68 4.92 20.90
N ALA B 102 -27.84 4.28 20.94
CA ALA B 102 -28.59 4.18 22.20
C ALA B 102 -27.80 3.44 23.26
N GLU B 103 -26.88 2.57 22.84
CA GLU B 103 -26.04 1.81 23.76
C GLU B 103 -24.72 2.52 24.08
N GLY B 104 -24.54 3.77 23.67
CA GLY B 104 -23.36 4.52 24.01
C GLY B 104 -22.21 4.48 23.02
N VAL B 105 -22.40 3.87 21.86
CA VAL B 105 -21.33 3.73 20.89
C VAL B 105 -21.34 4.94 19.97
N LYS B 106 -20.16 5.46 19.64
CA LYS B 106 -20.03 6.47 18.59
C LYS B 106 -19.97 5.77 17.23
N VAL B 107 -20.87 6.13 16.32
CA VAL B 107 -20.99 5.48 15.03
C VAL B 107 -20.51 6.45 13.96
N ARG B 108 -19.51 6.03 13.17
CA ARG B 108 -19.02 6.84 12.07
C ARG B 108 -19.56 6.31 10.74
N ARG B 109 -19.97 7.24 9.87
CA ARG B 109 -20.53 6.91 8.56
C ARG B 109 -19.53 7.23 7.46
N VAL B 110 -19.58 6.44 6.39
CA VAL B 110 -18.58 6.57 5.31
C VAL B 110 -19.00 7.67 4.36
N LYS B 111 -18.14 7.93 3.36
CA LYS B 111 -18.37 8.89 2.30
C LYS B 111 -19.15 8.25 1.16
N PRO B 112 -20.22 8.88 0.64
CA PRO B 112 -20.86 8.36 -0.58
C PRO B 112 -19.92 8.49 -1.77
N VAL B 113 -19.77 7.39 -2.51
CA VAL B 113 -18.86 7.35 -3.64
C VAL B 113 -19.54 6.70 -4.84
N ASP B 114 -18.86 6.78 -5.99
CA ASP B 114 -19.39 6.33 -7.27
C ASP B 114 -19.01 4.87 -7.48
N PHE B 115 -19.83 3.96 -6.94
CA PHE B 115 -19.59 2.55 -7.24
C PHE B 115 -19.96 2.18 -8.66
N PHE B 116 -20.77 2.99 -9.35
CA PHE B 116 -21.15 2.66 -10.72
C PHE B 116 -20.01 2.83 -11.73
N ALA B 117 -18.98 3.62 -11.40
CA ALA B 117 -17.91 3.91 -12.35
C ALA B 117 -17.08 2.68 -12.67
N SER B 118 -16.71 2.53 -13.94
CA SER B 118 -15.82 1.46 -14.36
C SER B 118 -14.39 1.83 -13.98
N PHE B 119 -13.51 0.84 -13.99
CA PHE B 119 -12.09 1.14 -13.78
C PHE B 119 -11.27 0.01 -14.37
N SER B 120 -9.96 0.27 -14.53
CA SER B 120 -9.13 -0.66 -15.27
C SER B 120 -7.68 -0.56 -14.85
N THR B 121 -6.98 -1.69 -14.99
CA THR B 121 -5.53 -1.75 -14.81
C THR B 121 -4.91 -2.01 -16.18
N PRO B 122 -3.59 -2.07 -16.26
CA PRO B 122 -2.97 -2.48 -17.54
C PRO B 122 -3.36 -3.87 -17.99
N ALA B 123 -3.90 -4.71 -17.10
CA ALA B 123 -4.14 -6.11 -17.45
C ALA B 123 -5.62 -6.49 -17.50
N TRP B 124 -6.52 -5.67 -16.98
CA TRP B 124 -7.93 -6.07 -16.89
C TRP B 124 -8.79 -4.85 -16.61
N GLN B 125 -10.10 -5.00 -16.84
CA GLN B 125 -11.06 -3.95 -16.58
C GLN B 125 -12.33 -4.56 -16.03
N VAL B 126 -13.09 -3.76 -15.29
CA VAL B 126 -14.38 -4.17 -14.76
C VAL B 126 -15.37 -3.04 -15.03
N ARG B 127 -16.66 -3.41 -14.98
CA ARG B 127 -17.71 -2.45 -15.32
C ARG B 127 -18.10 -1.58 -14.14
N SER B 128 -17.83 -1.99 -12.91
CA SER B 128 -18.21 -1.20 -11.75
C SER B 128 -17.48 -1.75 -10.53
N GLY B 129 -17.57 -1.01 -9.42
CA GLY B 129 -17.24 -1.55 -8.12
C GLY B 129 -18.43 -2.30 -7.52
N PHE B 130 -18.39 -2.49 -6.19
CA PHE B 130 -19.41 -3.25 -5.47
C PHE B 130 -20.16 -2.27 -4.58
N CYS B 131 -19.79 -2.10 -3.31
CA CYS B 131 -20.49 -1.17 -2.41
C CYS B 131 -19.66 -1.03 -1.15
N ALA B 132 -20.15 -0.21 -0.21
CA ALA B 132 -19.47 -0.03 1.08
C ALA B 132 -20.27 -0.65 2.24
N ALA B 133 -20.99 -1.74 1.98
CA ALA B 133 -21.83 -2.32 3.01
C ALA B 133 -21.04 -3.14 4.02
N ASN B 134 -19.81 -3.56 3.69
CA ASN B 134 -19.06 -4.53 4.51
C ASN B 134 -17.67 -4.01 4.89
N PRO B 135 -17.59 -3.02 5.78
CA PRO B 135 -16.27 -2.56 6.23
C PRO B 135 -15.37 -3.67 6.74
N ARG B 136 -15.95 -4.70 7.36
CA ARG B 136 -15.17 -5.79 7.95
C ARG B 136 -14.31 -6.53 6.91
N ASP B 137 -14.70 -6.50 5.63
CA ASP B 137 -13.95 -7.25 4.62
C ASP B 137 -12.66 -6.54 4.20
N VAL B 138 -12.60 -5.22 4.35
CA VAL B 138 -11.65 -4.36 3.65
C VAL B 138 -10.44 -4.01 4.51
N PHE B 139 -10.65 -3.97 5.83
CA PHE B 139 -9.64 -3.53 6.78
C PHE B 139 -9.57 -4.47 7.97
N LEU B 140 -8.36 -4.64 8.49
CA LEU B 140 -8.13 -5.29 9.77
C LEU B 140 -7.67 -4.24 10.77
N VAL B 141 -8.24 -4.24 11.98
CA VAL B 141 -7.78 -3.36 13.06
C VAL B 141 -7.00 -4.24 14.03
N ILE B 142 -5.69 -3.98 14.12
CA ILE B 142 -4.78 -4.72 15.00
C ILE B 142 -4.20 -3.68 15.97
N GLY B 143 -4.81 -3.57 17.14
CA GLY B 143 -4.38 -2.62 18.13
C GLY B 143 -4.63 -1.19 17.70
N ASN B 144 -3.56 -0.44 17.47
CA ASN B 144 -3.67 0.93 16.97
C ASN B 144 -3.42 1.03 15.47
N GLU B 145 -3.40 -0.10 14.75
CA GLU B 145 -3.05 -0.14 13.33
C GLU B 145 -4.24 -0.57 12.50
N ILE B 146 -4.55 0.19 11.46
CA ILE B 146 -5.52 -0.22 10.44
C ILE B 146 -4.75 -0.71 9.22
N ILE B 147 -5.04 -1.93 8.78
CA ILE B 147 -4.37 -2.57 7.65
C ILE B 147 -5.36 -2.73 6.49
N GLU B 148 -5.00 -2.20 5.32
CA GLU B 148 -5.84 -2.37 4.13
C GLU B 148 -5.52 -3.70 3.48
N ALA B 149 -6.55 -4.54 3.35
CA ALA B 149 -6.41 -5.91 2.86
C ALA B 149 -6.11 -5.95 1.35
N PRO B 150 -5.30 -6.92 0.91
CA PRO B 150 -5.08 -7.13 -0.52
C PRO B 150 -6.14 -8.05 -1.10
N MET B 151 -7.25 -7.49 -1.54
CA MET B 151 -8.44 -8.29 -1.81
C MET B 151 -8.39 -8.91 -3.19
N ALA B 152 -8.81 -10.17 -3.28
CA ALA B 152 -8.78 -10.91 -4.54
C ALA B 152 -9.87 -10.50 -5.52
N ASP B 153 -10.95 -9.89 -5.05
CA ASP B 153 -12.07 -9.55 -5.91
C ASP B 153 -11.78 -8.25 -6.66
N ARG B 154 -11.58 -8.35 -7.99
CA ARG B 154 -11.24 -7.19 -8.81
C ARG B 154 -12.25 -6.06 -8.67
N ASN B 155 -13.53 -6.38 -8.49
CA ASN B 155 -14.52 -5.31 -8.38
C ASN B 155 -14.39 -4.52 -7.09
N ARG B 156 -13.64 -5.02 -6.11
CA ARG B 156 -13.49 -4.36 -4.82
C ARG B 156 -12.15 -3.64 -4.70
N TYR B 157 -11.46 -3.44 -5.83
CA TYR B 157 -10.10 -2.88 -5.85
C TYR B 157 -10.04 -1.50 -5.18
N PHE B 158 -11.10 -0.70 -5.32
CA PHE B 158 -11.10 0.65 -4.78
C PHE B 158 -12.10 0.82 -3.64
N GLU B 159 -12.46 -0.26 -2.98
CA GLU B 159 -13.50 -0.17 -1.97
C GLU B 159 -13.07 0.61 -0.74
N ALA B 160 -11.76 0.75 -0.50
CA ALA B 160 -11.33 1.58 0.62
C ALA B 160 -11.64 3.07 0.43
N TRP B 161 -11.95 3.50 -0.80
CA TRP B 161 -12.09 4.93 -1.09
C TRP B 161 -13.17 5.59 -0.24
N ALA B 162 -14.26 4.88 0.05
CA ALA B 162 -15.31 5.47 0.86
C ALA B 162 -14.87 5.74 2.29
N TYR B 163 -13.79 5.12 2.75
CA TYR B 163 -13.32 5.22 4.12
C TYR B 163 -12.16 6.20 4.28
N ARG B 164 -11.65 6.77 3.20
CA ARG B 164 -10.37 7.45 3.30
C ARG B 164 -10.44 8.73 4.13
N ASP B 165 -11.57 9.43 4.17
CA ASP B 165 -11.63 10.60 5.06
C ASP B 165 -11.46 10.18 6.52
N LEU B 166 -12.13 9.10 6.92
CA LEU B 166 -11.98 8.59 8.29
C LEU B 166 -10.56 8.10 8.55
N LEU B 167 -9.97 7.38 7.58
CA LEU B 167 -8.62 6.85 7.79
C LEU B 167 -7.64 7.98 8.00
N LYS B 168 -7.75 9.04 7.20
CA LYS B 168 -6.86 10.17 7.35
C LYS B 168 -7.08 10.88 8.68
N GLU B 169 -8.33 10.94 9.16
CA GLU B 169 -8.59 11.50 10.49
C GLU B 169 -7.89 10.68 11.57
N TYR B 170 -8.03 9.35 11.51
CA TYR B 170 -7.42 8.52 12.55
C TYR B 170 -5.90 8.61 12.52
N PHE B 171 -5.32 8.64 11.30
CA PHE B 171 -3.88 8.81 11.17
C PHE B 171 -3.43 10.15 11.77
N GLN B 172 -4.17 11.22 11.49
CA GLN B 172 -3.88 12.52 12.06
C GLN B 172 -3.92 12.51 13.58
N ALA B 173 -4.69 11.60 14.17
CA ALA B 173 -4.81 11.49 15.61
C ALA B 173 -3.89 10.43 16.20
N GLY B 174 -3.00 9.83 15.41
CA GLY B 174 -1.95 8.96 15.94
C GLY B 174 -1.99 7.51 15.50
N ALA B 175 -2.97 7.10 14.71
CA ALA B 175 -3.11 5.69 14.35
C ALA B 175 -2.05 5.29 13.33
N LYS B 176 -1.66 4.02 13.39
CA LYS B 176 -0.84 3.44 12.34
C LYS B 176 -1.75 2.99 11.23
N TRP B 177 -1.26 3.08 9.99
CA TRP B 177 -2.11 2.87 8.83
C TRP B 177 -1.24 2.27 7.72
N THR B 178 -1.48 1.00 7.37
CA THR B 178 -0.60 0.22 6.51
C THR B 178 -1.44 -0.46 5.44
N ALA B 179 -0.84 -0.76 4.30
CA ALA B 179 -1.48 -1.56 3.26
C ALA B 179 -0.63 -2.78 2.94
N ALA B 180 -1.27 -3.92 2.79
CA ALA B 180 -0.61 -5.03 2.10
C ALA B 180 -0.35 -4.60 0.65
N PRO B 181 0.72 -5.07 0.03
CA PRO B 181 0.95 -4.74 -1.39
C PRO B 181 -0.31 -5.01 -2.21
N LYS B 182 -0.65 -4.07 -3.06
CA LYS B 182 -1.90 -4.14 -3.80
C LYS B 182 -1.73 -5.20 -4.89
N PRO B 183 -2.58 -6.22 -4.94
CA PRO B 183 -2.33 -7.33 -5.85
C PRO B 183 -2.56 -6.94 -7.29
N GLN B 184 -1.88 -7.66 -8.21
CA GLN B 184 -2.08 -7.42 -9.64
C GLN B 184 -3.39 -8.01 -10.15
N LEU B 185 -3.83 -9.13 -9.59
CA LEU B 185 -5.09 -9.80 -9.93
C LEU B 185 -5.12 -10.20 -11.41
N PHE B 186 -3.98 -10.66 -11.92
CA PHE B 186 -3.95 -11.33 -13.21
C PHE B 186 -4.83 -12.58 -13.20
N ASP B 187 -5.15 -13.07 -14.40
CA ASP B 187 -5.93 -14.30 -14.52
C ASP B 187 -5.30 -15.44 -13.74
N ALA B 188 -3.96 -15.42 -13.59
CA ALA B 188 -3.29 -16.50 -12.88
C ALA B 188 -3.73 -16.63 -11.42
N GLN B 189 -4.33 -15.59 -10.83
CA GLN B 189 -4.77 -15.65 -9.44
C GLN B 189 -6.04 -16.48 -9.25
N TYR B 190 -6.69 -16.93 -10.32
CA TYR B 190 -7.99 -17.59 -10.22
C TYR B 190 -8.00 -18.90 -10.98
N ASP B 191 -8.71 -19.89 -10.45
CA ASP B 191 -8.96 -21.17 -11.12
C ASP B 191 -10.31 -21.07 -11.82
N PHE B 192 -10.29 -20.74 -13.12
CA PHE B 192 -11.55 -20.53 -13.83
C PHE B 192 -12.27 -21.85 -14.08
N ASN B 193 -11.53 -22.96 -14.18
CA ASN B 193 -12.10 -24.28 -14.34
C ASN B 193 -12.40 -24.96 -13.01
N PHE B 194 -12.55 -24.19 -11.94
CA PHE B 194 -12.83 -24.74 -10.62
C PHE B 194 -14.12 -25.56 -10.63
N GLN B 195 -14.13 -26.63 -9.84
CA GLN B 195 -15.37 -27.31 -9.45
C GLN B 195 -15.26 -27.71 -7.98
N PHE B 196 -16.41 -27.74 -7.30
CA PHE B 196 -16.41 -28.12 -5.89
C PHE B 196 -15.83 -29.52 -5.72
N PRO B 197 -15.07 -29.78 -4.65
CA PRO B 197 -14.62 -31.15 -4.39
C PRO B 197 -15.76 -32.13 -4.10
N SER B 203 -10.37 -30.00 1.01
CA SER B 203 -10.98 -28.73 0.61
C SER B 203 -10.17 -28.03 -0.47
N ARG B 204 -10.85 -27.21 -1.27
CA ARG B 204 -10.23 -26.55 -2.41
C ARG B 204 -11.04 -25.31 -2.74
N PHE B 205 -10.35 -24.24 -3.17
CA PHE B 205 -11.00 -22.96 -3.39
C PHE B 205 -10.52 -22.36 -4.72
N VAL B 206 -11.17 -21.26 -5.13
CA VAL B 206 -10.95 -20.70 -6.45
C VAL B 206 -9.65 -19.91 -6.53
N VAL B 207 -9.26 -19.22 -5.46
CA VAL B 207 -8.03 -18.44 -5.51
C VAL B 207 -6.84 -19.39 -5.57
N THR B 208 -5.80 -18.99 -6.31
CA THR B 208 -4.60 -19.79 -6.48
C THR B 208 -3.48 -19.29 -5.55
N GLU B 209 -2.23 -19.65 -5.86
CA GLU B 209 -1.09 -19.14 -5.10
C GLU B 209 -0.19 -18.24 -5.96
N PHE B 210 -0.78 -17.51 -6.90
CA PHE B 210 -0.01 -16.60 -7.73
C PHE B 210 0.54 -15.42 -6.91
N GLU B 211 -0.26 -14.83 -6.03
CA GLU B 211 0.21 -13.71 -5.24
C GLU B 211 -0.58 -13.63 -3.94
N PRO B 212 -0.11 -12.86 -2.95
CA PRO B 212 -0.83 -12.78 -1.67
C PRO B 212 -2.15 -12.03 -1.79
N THR B 213 -3.26 -12.67 -1.37
CA THR B 213 -4.55 -12.01 -1.22
C THR B 213 -5.21 -12.51 0.05
N PHE B 214 -5.92 -11.60 0.73
CA PHE B 214 -6.82 -11.98 1.81
C PHE B 214 -7.89 -10.91 1.97
N ASP B 215 -9.06 -11.35 2.47
CA ASP B 215 -10.09 -10.46 2.99
C ASP B 215 -9.94 -10.43 4.51
N ALA B 216 -10.08 -9.24 5.10
CA ALA B 216 -9.87 -9.11 6.55
C ALA B 216 -10.85 -9.99 7.32
N ALA B 217 -12.07 -10.16 6.81
CA ALA B 217 -13.10 -10.90 7.52
C ALA B 217 -12.87 -12.40 7.52
N ASP B 218 -11.81 -12.91 6.86
CA ASP B 218 -11.40 -14.29 7.06
C ASP B 218 -10.61 -14.49 8.36
N PHE B 219 -10.49 -13.45 9.20
CA PHE B 219 -9.79 -13.49 10.48
C PHE B 219 -10.66 -12.95 11.60
N VAL B 220 -10.52 -13.52 12.81
CA VAL B 220 -11.13 -12.99 14.02
C VAL B 220 -10.06 -12.90 15.10
N ARG B 221 -10.22 -11.91 15.99
CA ARG B 221 -9.14 -11.41 16.83
C ARG B 221 -9.34 -11.78 18.31
N CYS B 222 -8.31 -12.40 18.91
CA CYS B 222 -8.34 -12.80 20.33
C CYS B 222 -7.05 -12.35 21.02
N GLY B 223 -6.81 -11.04 20.99
CA GLY B 223 -5.59 -10.50 21.58
C GLY B 223 -4.37 -11.01 20.84
N ARG B 224 -3.44 -11.62 21.59
CA ARG B 224 -2.20 -12.06 20.97
C ARG B 224 -2.40 -13.22 20.00
N ASP B 225 -3.58 -13.84 19.97
CA ASP B 225 -3.86 -14.92 19.05
C ASP B 225 -5.01 -14.52 18.12
N ILE B 226 -4.82 -14.82 16.83
CA ILE B 226 -5.78 -14.52 15.78
C ILE B 226 -6.09 -15.83 15.05
N PHE B 227 -7.36 -16.03 14.70
CA PHE B 227 -7.77 -17.22 13.96
C PHE B 227 -8.18 -16.84 12.55
N GLY B 228 -7.75 -17.64 11.57
CA GLY B 228 -8.06 -17.37 10.19
C GLY B 228 -8.31 -18.65 9.43
N GLN B 229 -8.71 -18.49 8.17
CA GLN B 229 -9.00 -19.62 7.30
C GLN B 229 -8.62 -19.28 5.87
N LYS B 230 -8.24 -20.30 5.10
CA LYS B 230 -8.25 -20.19 3.66
C LYS B 230 -9.69 -20.16 3.18
N SER B 231 -9.92 -19.54 2.04
CA SER B 231 -11.26 -19.32 1.53
C SER B 231 -11.15 -19.11 0.03
N HIS B 232 -12.28 -18.81 -0.62
CA HIS B 232 -12.26 -18.48 -2.03
C HIS B 232 -11.52 -17.20 -2.35
N VAL B 233 -11.14 -16.39 -1.35
CA VAL B 233 -10.40 -15.16 -1.60
C VAL B 233 -9.11 -15.05 -0.78
N THR B 234 -8.90 -15.84 0.27
CA THR B 234 -7.72 -15.77 1.12
C THR B 234 -6.87 -17.00 0.86
N ASN B 235 -5.64 -16.80 0.41
CA ASN B 235 -4.77 -17.94 0.09
C ASN B 235 -3.63 -18.08 1.10
N SER B 236 -2.78 -19.07 0.89
CA SER B 236 -1.67 -19.31 1.80
C SER B 236 -0.67 -18.15 1.80
N LEU B 237 -0.37 -17.59 0.62
CA LEU B 237 0.53 -16.44 0.56
C LEU B 237 -0.04 -15.26 1.33
N GLY B 238 -1.35 -15.06 1.25
CA GLY B 238 -1.97 -13.98 2.00
C GLY B 238 -1.84 -14.17 3.50
N ILE B 239 -2.16 -15.38 3.99
CA ILE B 239 -2.01 -15.66 5.41
C ILE B 239 -0.57 -15.46 5.84
N GLU B 240 0.35 -15.95 5.03
CA GLU B 240 1.77 -15.88 5.37
C GLU B 240 2.25 -14.43 5.40
N TRP B 241 1.72 -13.60 4.51
CA TRP B 241 2.03 -12.16 4.58
C TRP B 241 1.59 -11.56 5.90
N LEU B 242 0.34 -11.83 6.31
CA LEU B 242 -0.14 -11.25 7.56
C LEU B 242 0.66 -11.78 8.73
N GLN B 243 1.00 -13.07 8.71
CA GLN B 243 1.78 -13.64 9.80
C GLN B 243 3.12 -12.91 9.92
N ARG B 244 3.79 -12.66 8.81
CA ARG B 244 5.05 -11.93 8.89
C ARG B 244 4.84 -10.50 9.35
N HIS B 245 3.81 -9.83 8.83
CA HIS B 245 3.57 -8.45 9.21
C HIS B 245 3.36 -8.32 10.72
N LEU B 246 2.72 -9.32 11.33
CA LEU B 246 2.34 -9.27 12.75
C LEU B 246 3.22 -10.16 13.63
N GLU B 247 4.40 -10.57 13.16
CA GLU B 247 5.16 -11.61 13.86
C GLU B 247 5.71 -11.15 15.21
N ASP B 248 5.88 -9.85 15.44
CA ASP B 248 6.50 -9.42 16.69
C ASP B 248 5.60 -9.67 17.89
N GLU B 249 4.28 -9.61 17.72
CA GLU B 249 3.38 -9.66 18.85
C GLU B 249 2.24 -10.67 18.73
N TYR B 250 2.02 -11.27 17.56
CA TYR B 250 0.81 -12.03 17.30
C TYR B 250 1.11 -13.39 16.68
N ARG B 251 0.24 -14.35 16.98
CA ARG B 251 0.25 -15.67 16.38
C ARG B 251 -1.07 -15.89 15.66
N ILE B 252 -1.01 -16.34 14.41
CA ILE B 252 -2.21 -16.60 13.62
C ILE B 252 -2.36 -18.10 13.45
N HIS B 253 -3.50 -18.62 13.88
CA HIS B 253 -3.84 -20.04 13.79
C HIS B 253 -4.86 -20.25 12.69
N ILE B 254 -4.61 -21.21 11.81
CA ILE B 254 -5.45 -21.45 10.65
C ILE B 254 -6.38 -22.62 10.94
N ILE B 255 -7.68 -22.41 10.80
CA ILE B 255 -8.65 -23.48 10.93
C ILE B 255 -9.02 -23.99 9.54
N GLU B 256 -9.53 -25.21 9.49
CA GLU B 256 -9.97 -25.83 8.24
C GLU B 256 -11.48 -25.72 8.13
N SER B 257 -11.97 -25.02 7.11
CA SER B 257 -13.41 -24.90 6.91
C SER B 257 -13.93 -26.10 6.15
N GLN B 258 -15.08 -26.60 6.58
CA GLN B 258 -15.82 -27.60 5.83
C GLN B 258 -16.86 -26.99 4.89
N CYS B 259 -16.95 -25.67 4.83
CA CYS B 259 -17.93 -25.01 3.98
C CYS B 259 -17.39 -24.95 2.56
N PRO B 260 -18.01 -25.64 1.58
CA PRO B 260 -17.49 -25.56 0.21
C PRO B 260 -17.54 -24.16 -0.36
N GLU B 261 -18.42 -23.32 0.17
CA GLU B 261 -18.61 -21.95 -0.29
C GLU B 261 -17.81 -20.95 0.54
N ALA B 262 -16.82 -21.41 1.28
CA ALA B 262 -16.19 -20.61 2.33
C ALA B 262 -15.78 -19.24 1.84
N LEU B 263 -16.25 -18.20 2.53
CA LEU B 263 -15.88 -16.82 2.21
C LEU B 263 -16.18 -16.02 3.48
N HIS B 264 -15.11 -15.68 4.21
CA HIS B 264 -15.14 -15.00 5.50
C HIS B 264 -15.46 -15.99 6.62
N ILE B 265 -14.87 -15.75 7.79
CA ILE B 265 -14.90 -16.69 8.90
C ILE B 265 -15.96 -16.34 9.94
N ASP B 266 -16.65 -15.19 9.80
CA ASP B 266 -17.50 -14.71 10.89
C ASP B 266 -18.95 -15.21 10.79
N THR B 267 -19.18 -16.33 10.09
CA THR B 267 -20.30 -17.23 10.37
C THR B 267 -19.82 -18.63 10.73
N THR B 268 -18.53 -18.81 10.97
CA THR B 268 -17.92 -20.11 11.26
C THR B 268 -17.36 -20.17 12.67
N LEU B 269 -16.62 -19.14 13.05
CA LEU B 269 -15.88 -19.12 14.30
C LEU B 269 -15.96 -17.71 14.84
N MET B 270 -16.58 -17.53 16.02
CA MET B 270 -16.89 -16.20 16.53
C MET B 270 -16.56 -16.09 18.00
N PRO B 271 -15.40 -15.54 18.36
CA PRO B 271 -15.10 -15.28 19.77
C PRO B 271 -16.07 -14.27 20.34
N LEU B 272 -16.68 -14.61 21.49
CA LEU B 272 -17.64 -13.74 22.14
C LEU B 272 -17.12 -13.08 23.42
N ALA B 273 -16.16 -13.70 24.08
CA ALA B 273 -15.61 -13.18 25.33
C ALA B 273 -14.43 -14.06 25.69
N PRO B 274 -13.58 -13.66 26.61
CA PRO B 274 -12.46 -14.53 27.01
C PRO B 274 -12.99 -15.90 27.40
N GLY B 275 -12.47 -16.93 26.75
CA GLY B 275 -12.87 -18.29 27.07
C GLY B 275 -14.20 -18.74 26.52
N LYS B 276 -14.80 -17.99 25.60
CA LYS B 276 -16.11 -18.32 25.03
C LYS B 276 -16.04 -18.10 23.52
N ILE B 277 -16.19 -19.17 22.73
CA ILE B 277 -16.15 -19.05 21.28
C ILE B 277 -17.32 -19.79 20.66
N LEU B 278 -18.08 -19.08 19.83
CA LEU B 278 -19.22 -19.63 19.11
C LEU B 278 -18.75 -20.32 17.83
N VAL B 279 -19.18 -21.57 17.63
CA VAL B 279 -18.73 -22.39 16.51
C VAL B 279 -19.92 -22.88 15.70
N ASN B 280 -19.76 -22.89 14.38
CA ASN B 280 -20.74 -23.39 13.42
C ASN B 280 -20.61 -24.90 13.31
N PRO B 281 -21.62 -25.68 13.71
CA PRO B 281 -21.47 -27.14 13.70
C PRO B 281 -21.34 -27.75 12.31
N GLU B 282 -21.86 -27.10 11.28
CA GLU B 282 -21.75 -27.65 9.94
C GLU B 282 -20.42 -27.29 9.27
N PHE B 283 -19.84 -26.13 9.60
CA PHE B 283 -18.64 -25.66 8.94
C PHE B 283 -17.34 -26.07 9.66
N VAL B 284 -17.43 -26.53 10.90
CA VAL B 284 -16.28 -26.78 11.77
C VAL B 284 -16.39 -28.18 12.35
N ASP B 285 -15.32 -28.97 12.21
CA ASP B 285 -15.15 -30.21 12.99
C ASP B 285 -14.51 -29.84 14.32
N VAL B 286 -15.30 -29.89 15.41
CA VAL B 286 -14.79 -29.45 16.71
C VAL B 286 -13.59 -30.28 17.16
N ASN B 287 -13.48 -31.51 16.69
CA ASN B 287 -12.37 -32.35 17.08
C ASN B 287 -11.07 -32.01 16.37
N LYS B 288 -11.13 -31.20 15.30
CA LYS B 288 -9.94 -30.82 14.54
C LYS B 288 -9.58 -29.35 14.73
N LEU B 289 -10.11 -28.71 15.77
CA LEU B 289 -9.82 -27.31 16.01
C LEU B 289 -8.39 -27.15 16.54
N PRO B 290 -7.78 -25.99 16.33
CA PRO B 290 -6.41 -25.76 16.83
C PRO B 290 -6.28 -26.14 18.29
N LYS B 291 -5.16 -26.77 18.62
CA LYS B 291 -4.94 -27.28 19.97
C LYS B 291 -5.11 -26.20 21.02
N ILE B 292 -4.82 -24.94 20.69
CA ILE B 292 -4.84 -23.88 21.68
C ILE B 292 -6.25 -23.63 22.23
N LEU B 293 -7.29 -23.99 21.48
CA LEU B 293 -8.66 -23.77 21.93
C LEU B 293 -9.10 -24.75 23.02
N LYS B 294 -8.21 -25.65 23.45
CA LYS B 294 -8.57 -26.63 24.49
C LYS B 294 -9.09 -25.95 25.75
N SER B 295 -8.49 -24.83 26.13
CA SER B 295 -8.82 -24.18 27.40
C SER B 295 -10.08 -23.32 27.34
N TRP B 296 -10.67 -23.13 26.16
CA TRP B 296 -11.89 -22.34 26.02
C TRP B 296 -13.12 -23.24 25.98
N ASP B 297 -14.25 -22.66 26.39
CA ASP B 297 -15.55 -23.27 26.18
C ASP B 297 -15.95 -23.11 24.71
N ILE B 298 -16.29 -24.21 24.07
CA ILE B 298 -16.78 -24.17 22.69
C ILE B 298 -18.31 -24.15 22.77
N LEU B 299 -18.91 -23.05 22.31
CA LEU B 299 -20.34 -22.86 22.30
C LEU B 299 -20.83 -23.24 20.90
N VAL B 300 -21.42 -24.42 20.77
CA VAL B 300 -21.86 -24.89 19.46
C VAL B 300 -23.19 -24.21 19.12
N ALA B 301 -23.21 -23.52 17.99
CA ALA B 301 -24.39 -22.78 17.59
C ALA B 301 -25.59 -23.70 17.40
N PRO B 302 -26.80 -23.29 17.80
CA PRO B 302 -28.00 -24.04 17.42
C PRO B 302 -28.31 -23.90 15.94
N TYR B 303 -29.05 -24.88 15.44
CA TYR B 303 -29.54 -24.83 14.06
C TYR B 303 -30.68 -23.83 13.92
N PRO B 304 -30.69 -23.01 12.85
CA PRO B 304 -31.68 -21.93 12.78
C PRO B 304 -33.10 -22.38 12.48
N ASN B 305 -33.28 -23.49 11.77
CA ASN B 305 -34.61 -23.91 11.28
C ASN B 305 -35.31 -22.75 10.58
N HIS B 306 -34.54 -22.02 9.77
CA HIS B 306 -35.03 -20.79 9.16
C HIS B 306 -34.10 -20.43 8.01
N ILE B 307 -34.66 -20.25 6.83
CA ILE B 307 -33.94 -19.76 5.65
C ILE B 307 -34.41 -18.32 5.39
N PRO B 308 -33.54 -17.32 5.44
CA PRO B 308 -33.99 -15.95 5.15
C PRO B 308 -34.75 -15.88 3.83
N GLN B 309 -35.90 -15.23 3.86
CA GLN B 309 -36.78 -15.11 2.70
C GLN B 309 -36.54 -13.75 2.04
N ASN B 310 -35.98 -13.77 0.84
CA ASN B 310 -35.84 -12.54 0.06
C ASN B 310 -35.87 -12.88 -1.42
N GLN B 311 -36.30 -11.90 -2.23
CA GLN B 311 -36.25 -12.04 -3.67
C GLN B 311 -34.87 -12.47 -4.13
N LEU B 312 -33.84 -11.92 -3.48
CA LEU B 312 -32.45 -12.23 -3.78
C LEU B 312 -31.83 -12.80 -2.50
N ARG B 313 -31.36 -14.04 -2.57
CA ARG B 313 -30.85 -14.74 -1.40
C ARG B 313 -29.46 -15.28 -1.72
N LEU B 314 -28.44 -14.65 -1.15
CA LEU B 314 -27.04 -14.97 -1.44
C LEU B 314 -26.23 -15.38 -0.22
N VAL B 315 -26.76 -15.22 1.00
CA VAL B 315 -26.08 -15.66 2.21
C VAL B 315 -26.69 -16.98 2.67
N SER B 316 -25.95 -17.68 3.51
CA SER B 316 -26.40 -18.98 3.98
C SER B 316 -27.25 -18.82 5.23
N GLU B 317 -27.93 -19.91 5.59
CA GLU B 317 -28.76 -19.95 6.78
C GLU B 317 -27.96 -19.71 8.05
N TRP B 318 -26.63 -19.72 7.99
CA TRP B 318 -25.81 -19.53 9.16
C TRP B 318 -25.49 -18.07 9.43
N ALA B 319 -26.16 -17.14 8.74
CA ALA B 319 -25.95 -15.72 8.97
C ALA B 319 -26.19 -15.32 10.42
N GLY B 320 -26.92 -16.13 11.19
CA GLY B 320 -27.21 -15.80 12.58
C GLY B 320 -25.99 -15.74 13.48
N LEU B 321 -24.89 -16.38 13.09
CA LEU B 321 -23.64 -16.31 13.85
C LEU B 321 -22.91 -14.99 13.69
N ASN B 322 -23.31 -14.14 12.73
CA ASN B 322 -22.60 -12.90 12.42
C ASN B 322 -22.94 -11.80 13.42
N VAL B 323 -22.80 -12.09 14.72
CA VAL B 323 -23.23 -11.17 15.78
C VAL B 323 -22.13 -10.15 16.08
N LEU B 324 -22.50 -9.09 16.81
CA LEU B 324 -21.57 -8.05 17.22
C LEU B 324 -21.64 -7.86 18.74
N MET B 325 -20.49 -7.96 19.40
CA MET B 325 -20.40 -7.78 20.85
C MET B 325 -20.18 -6.30 21.16
N LEU B 326 -20.97 -5.75 22.07
CA LEU B 326 -20.77 -4.40 22.57
C LEU B 326 -19.91 -4.37 23.83
N ASP B 327 -19.84 -5.51 24.52
CA ASP B 327 -18.84 -5.80 25.54
C ASP B 327 -18.86 -7.33 25.71
N GLU B 328 -18.46 -7.82 26.87
CA GLU B 328 -18.44 -9.26 27.07
C GLU B 328 -19.83 -9.87 27.26
N GLU B 329 -20.86 -9.05 27.38
CA GLU B 329 -22.20 -9.50 27.71
C GLU B 329 -23.24 -9.11 26.67
N ARG B 330 -23.23 -7.86 26.22
CA ARG B 330 -24.26 -7.37 25.31
C ARG B 330 -23.92 -7.78 23.88
N VAL B 331 -24.87 -8.38 23.18
CA VAL B 331 -24.61 -8.93 21.86
C VAL B 331 -25.79 -8.62 20.93
N ILE B 332 -25.49 -8.03 19.79
CA ILE B 332 -26.52 -7.74 18.80
C ILE B 332 -26.74 -8.98 17.94
N VAL B 333 -28.01 -9.39 17.82
CA VAL B 333 -28.40 -10.62 17.15
C VAL B 333 -29.70 -10.36 16.38
N GLU B 334 -29.89 -11.06 15.26
CA GLU B 334 -30.99 -10.75 14.34
C GLU B 334 -32.32 -11.34 14.82
N LYS B 335 -33.39 -10.58 14.63
CA LYS B 335 -34.68 -10.87 15.28
C LYS B 335 -35.27 -12.22 14.90
N LYS B 336 -35.07 -12.69 13.68
CA LYS B 336 -35.63 -13.97 13.28
C LYS B 336 -34.78 -15.15 13.75
N GLN B 337 -33.62 -14.89 14.37
CA GLN B 337 -32.72 -15.97 14.78
C GLN B 337 -33.06 -16.43 16.20
N GLU B 338 -34.28 -16.94 16.34
CA GLU B 338 -34.79 -17.25 17.67
C GLU B 338 -33.95 -18.33 18.37
N PRO B 339 -33.46 -19.37 17.70
CA PRO B 339 -32.61 -20.34 18.42
C PRO B 339 -31.31 -19.74 18.94
N MET B 340 -30.66 -18.89 18.14
CA MET B 340 -29.45 -18.21 18.60
C MET B 340 -29.72 -17.30 19.79
N ILE B 341 -30.83 -16.56 19.74
CA ILE B 341 -31.18 -15.66 20.84
C ILE B 341 -31.31 -16.45 22.14
N LYS B 342 -32.05 -17.55 22.10
CA LYS B 342 -32.21 -18.38 23.29
C LYS B 342 -30.87 -18.96 23.75
N ALA B 343 -30.04 -19.44 22.82
CA ALA B 343 -28.77 -20.05 23.21
C ALA B 343 -27.85 -19.04 23.86
N LEU B 344 -27.75 -17.83 23.30
CA LEU B 344 -26.90 -16.81 23.89
C LEU B 344 -27.38 -16.46 25.29
N LYS B 345 -28.69 -16.39 25.48
CA LYS B 345 -29.27 -16.11 26.80
C LYS B 345 -28.89 -17.21 27.79
N ASP B 346 -29.09 -18.47 27.41
CA ASP B 346 -28.74 -19.58 28.29
C ASP B 346 -27.25 -19.62 28.59
N TRP B 347 -26.42 -19.12 27.67
CA TRP B 347 -24.98 -19.08 27.86
C TRP B 347 -24.53 -17.90 28.71
N GLY B 348 -25.46 -17.02 29.09
CA GLY B 348 -25.12 -15.92 29.99
C GLY B 348 -24.86 -14.59 29.33
N PHE B 349 -25.16 -14.45 28.05
CA PHE B 349 -25.06 -13.19 27.34
C PHE B 349 -26.40 -12.46 27.39
N LYS B 350 -26.39 -11.18 26.98
CA LYS B 350 -27.57 -10.32 26.96
C LYS B 350 -27.89 -9.92 25.53
N PRO B 351 -28.74 -10.67 24.83
CA PRO B 351 -29.04 -10.35 23.43
C PRO B 351 -29.79 -9.04 23.27
N ILE B 352 -29.36 -8.25 22.28
CA ILE B 352 -30.07 -7.07 21.83
C ILE B 352 -30.52 -7.31 20.41
N VAL B 353 -31.83 -7.35 20.18
CA VAL B 353 -32.41 -7.84 18.95
C VAL B 353 -32.59 -6.70 17.95
N CYS B 354 -32.39 -7.01 16.68
CA CYS B 354 -32.48 -6.05 15.59
C CYS B 354 -32.91 -6.78 14.32
N SER B 355 -33.87 -6.20 13.60
CA SER B 355 -34.26 -6.71 12.29
C SER B 355 -33.22 -6.27 11.26
N PHE B 356 -32.68 -7.23 10.51
CA PHE B 356 -31.58 -6.92 9.61
C PHE B 356 -31.53 -7.82 8.38
N GLU B 357 -32.54 -8.66 8.14
CA GLU B 357 -32.46 -9.55 6.99
C GLU B 357 -32.44 -8.80 5.66
N SER B 358 -32.94 -7.57 5.62
CA SER B 358 -32.88 -6.79 4.39
C SER B 358 -31.46 -6.38 4.03
N TYR B 359 -30.51 -6.51 4.97
CA TYR B 359 -29.10 -6.26 4.69
C TYR B 359 -28.40 -7.46 4.08
N TYR B 360 -28.96 -8.65 4.27
CA TYR B 360 -28.32 -9.88 3.78
C TYR B 360 -28.05 -9.86 2.28
N PRO B 361 -28.91 -9.29 1.42
CA PRO B 361 -28.58 -9.28 -0.01
C PRO B 361 -27.30 -8.51 -0.30
N PHE B 362 -26.85 -7.67 0.62
CA PHE B 362 -25.59 -6.94 0.49
C PHE B 362 -24.42 -7.72 1.07
N LEU B 363 -24.67 -8.98 1.45
CA LEU B 363 -23.69 -10.02 1.74
C LEU B 363 -23.09 -9.90 3.14
N GLY B 364 -23.84 -9.33 4.08
CA GLY B 364 -23.35 -9.24 5.44
C GLY B 364 -24.46 -9.08 6.44
N SER B 365 -24.11 -9.29 7.70
CA SER B 365 -24.95 -8.88 8.82
C SER B 365 -24.10 -8.01 9.77
N PHE B 366 -24.40 -8.03 11.08
CA PHE B 366 -23.89 -6.99 11.98
C PHE B 366 -22.37 -6.95 12.00
N HIS B 367 -21.72 -8.10 12.14
CA HIS B 367 -20.27 -8.10 12.20
C HIS B 367 -19.68 -7.64 10.88
N CYS B 368 -20.26 -8.08 9.75
CA CYS B 368 -19.73 -7.67 8.45
C CYS B 368 -19.88 -6.16 8.25
N ALA B 369 -20.97 -5.62 8.75
CA ALA B 369 -21.38 -4.25 8.49
C ALA B 369 -20.64 -3.24 9.35
N THR B 370 -19.70 -3.69 10.20
CA THR B 370 -19.00 -2.82 11.13
C THR B 370 -17.49 -3.04 11.08
N LEU B 371 -16.75 -2.01 11.50
CA LEU B 371 -15.33 -2.10 11.80
C LEU B 371 -15.13 -1.44 13.16
N ASP B 372 -14.85 -2.25 14.19
CA ASP B 372 -14.69 -1.73 15.55
C ASP B 372 -13.31 -1.10 15.65
N VAL B 373 -13.26 0.21 15.58
CA VAL B 373 -11.97 0.89 15.63
C VAL B 373 -11.50 1.14 17.06
N ARG B 374 -12.42 1.29 18.03
CA ARG B 374 -12.00 1.48 19.42
C ARG B 374 -12.83 0.65 20.38
N ARG B 375 -12.14 -0.24 21.11
CA ARG B 375 -12.68 -0.97 22.24
C ARG B 375 -11.77 -0.72 23.43
N ARG B 376 -12.36 -0.47 24.60
CA ARG B 376 -11.59 -0.14 25.79
C ARG B 376 -10.82 -1.37 26.26
N GLY B 377 -9.50 -1.33 26.19
CA GLY B 377 -8.71 -2.48 26.58
C GLY B 377 -7.28 -2.41 26.07
N THR B 378 -6.50 -3.40 26.48
CA THR B 378 -5.09 -3.55 26.14
C THR B 378 -4.85 -4.90 25.46
N LEU B 379 -3.63 -5.08 24.96
CA LEU B 379 -3.23 -6.36 24.38
C LEU B 379 -2.97 -7.38 25.48
N GLN B 380 -3.57 -8.56 25.35
CA GLN B 380 -3.45 -9.63 26.33
C GLN B 380 -3.40 -10.99 25.63
N SER B 381 -2.94 -11.99 26.39
CA SER B 381 -3.06 -13.40 26.04
C SER B 381 -4.25 -13.98 26.78
N TYR B 382 -5.02 -14.81 26.08
CA TYR B 382 -6.19 -15.44 26.68
C TYR B 382 -6.09 -16.96 26.63
N PHE B 383 -4.94 -17.50 26.26
CA PHE B 383 -4.71 -18.92 26.20
C PHE B 383 -3.51 -19.27 27.06
C FMT C . 1.58 -6.17 -17.52
O1 FMT C . 2.22 -7.01 -16.90
O2 FMT C . 1.92 -5.88 -18.66
H FMT C . 0.71 -5.66 -17.09
#